data_3THO
#
_entry.id   3THO
#
_cell.length_a   121.772
_cell.length_b   121.772
_cell.length_c   135.126
_cell.angle_alpha   90.00
_cell.angle_beta   90.00
_cell.angle_gamma   120.00
#
_symmetry.space_group_name_H-M   'P 32 2 1'
#
loop_
_entity.id
_entity.type
_entity.pdbx_description
1 polymer 'Probable DNA double-strand break repair Rad50 ATPase'
2 polymer 'Exonuclease, putative'
3 non-polymer "ADENOSINE-5'-DIPHOSPHATE"
4 non-polymer 'MAGNESIUM ION'
5 non-polymer 'SULFATE ION'
6 non-polymer 'PHOSPHATE ION'
7 non-polymer 'MANGANESE (II) ION'
8 water water
#
loop_
_entity_poly.entity_id
_entity_poly.type
_entity_poly.pdbx_seq_one_letter_code
_entity_poly.pdbx_strand_id
1 'polypeptide(L)'
;HHHHHHSSGENLYFQGHMRPERLTVRNFLGLKNVDIEFQSGITVVEGPNGAGKSSLFEAISFALFGNGIRYPNSYDYVNR
NAVDGTARLVFQFERGGKRYEIIREINALQRKHNAKLSEILENGKKAAIAAKPTSVKQEVEKILGIEHRTFIRTVFLPQG
EIDKLLISPPSEITEIISDVFQSKETLEKLEKLLKEKMKKLENEISSGGAGGAGGSLEKKLKEMSDEYNNLDLLRKYLFD
KSNFSRYFTGRVLEAVLKRTKAYLDILTNGRFDIDFDDEKGGFIIKDWGIERPARGLSGGERALISISLAMSLAEVASGR
LDAFFIDEGFSSLCTENKEKIASVLKELERLNKVIVFITCDREFSEAFDRKLRITGGVVVNE
;
A
2 'polypeptide(L)'
;MKILHTSDWHLGVTSWTSSRPVDRREELKKALDKVVEEAEKREVDLILLTGDLLHSRNNPSVVALHDLLDYLKRMMRTAP
VVVLPGNQDWKGLKLFGNFVTSISSDITFVMSFEPVDVEAKRGQKVRILPFPYPDESEALRKNEGDFRFFLESRLNKLYE
EALKKEDFAIFMGHFTVEGLAGYAGIEQGREIIINRALIPSVVDYAALGHIHSFREIQKQPLTIYPGSLIRIDFGEEADE
KGAVFVELKRGEPPRYERIDASPLPLKTLYYKKIDTSALKSIRDSCRNFPGYVRVVYEEDSGILPDLMGEIDNLVKIERK
SRREIEEVLRESPEEFKEELDKLDYFELFKEYLKKREENHEKLLKILDELLDEVKKSEA
;
B
#
loop_
_chem_comp.id
_chem_comp.type
_chem_comp.name
_chem_comp.formula
ADP non-polymer ADENOSINE-5'-DIPHOSPHATE 'C10 H15 N5 O10 P2'
MG non-polymer 'MAGNESIUM ION' 'Mg 2'
MN non-polymer 'MANGANESE (II) ION' 'Mn 2'
PO4 non-polymer 'PHOSPHATE ION' 'O4 P -3'
SO4 non-polymer 'SULFATE ION' 'O4 S -2'
#
# COMPACT_ATOMS: atom_id res chain seq x y z
N GLY A 16 14.79 9.87 15.80
CA GLY A 16 13.44 9.46 16.15
C GLY A 16 13.31 9.09 17.62
N HIS A 17 12.81 7.88 17.88
CA HIS A 17 12.31 6.99 16.83
C HIS A 17 10.99 6.38 17.29
N MET A 18 10.08 7.25 17.77
CA MET A 18 8.95 6.84 18.61
C MET A 18 8.24 5.57 18.13
N ARG A 19 8.08 4.62 19.07
CA ARG A 19 7.84 3.22 18.72
C ARG A 19 7.23 2.47 19.89
N PRO A 20 5.93 2.17 19.81
CA PRO A 20 5.22 1.42 20.85
C PRO A 20 5.66 -0.05 20.93
N GLU A 21 5.72 -0.59 22.15
CA GLU A 21 6.28 -1.92 22.36
C GLU A 21 5.28 -2.91 22.96
N ARG A 22 4.83 -2.60 24.18
CA ARG A 22 3.85 -3.46 24.85
C ARG A 22 2.67 -2.63 25.34
N LEU A 23 1.48 -3.20 25.20
CA LEU A 23 0.31 -2.63 25.85
C LEU A 23 -0.39 -3.69 26.67
N THR A 24 -0.66 -3.36 27.92
CA THR A 24 -1.42 -4.22 28.82
C THR A 24 -2.59 -3.43 29.39
N VAL A 25 -3.78 -3.99 29.32
CA VAL A 25 -4.99 -3.29 29.76
C VAL A 25 -5.87 -4.22 30.61
N ARG A 26 -6.38 -3.68 31.72
CA ARG A 26 -7.35 -4.37 32.59
C ARG A 26 -8.55 -3.45 32.83
N ASN A 27 -9.76 -3.98 32.64
CA ASN A 27 -10.97 -3.23 32.99
C ASN A 27 -11.00 -1.74 32.58
N PHE A 28 -10.76 -1.50 31.28
CA PHE A 28 -10.77 -0.16 30.72
C PHE A 28 -11.79 -0.19 29.57
N LEU A 29 -12.75 0.74 29.64
CA LEU A 29 -13.85 0.77 28.67
C LEU A 29 -14.48 -0.62 28.50
N GLY A 30 -14.39 -1.17 27.29
CA GLY A 30 -14.97 -2.47 26.98
C GLY A 30 -13.95 -3.60 27.05
N LEU A 31 -12.72 -3.27 27.41
CA LEU A 31 -11.66 -4.27 27.56
C LEU A 31 -11.61 -4.82 28.99
N LYS A 32 -11.36 -6.13 29.12
CA LYS A 32 -11.28 -6.81 30.41
C LYS A 32 -9.84 -7.04 30.77
N ASN A 33 -9.23 -7.99 30.06
CA ASN A 33 -7.79 -8.24 30.14
C ASN A 33 -7.19 -8.46 28.75
N VAL A 34 -6.26 -7.60 28.40
CA VAL A 34 -5.57 -7.70 27.13
C VAL A 34 -4.10 -7.38 27.35
N ASP A 35 -3.23 -8.22 26.80
CA ASP A 35 -1.81 -7.96 26.84
C ASP A 35 -1.24 -8.27 25.47
N ILE A 36 -0.85 -7.24 24.73
CA ILE A 36 -0.34 -7.50 23.39
C ILE A 36 0.94 -6.75 22.99
N GLU A 37 1.74 -7.40 22.14
CA GLU A 37 3.02 -6.88 21.69
C GLU A 37 2.95 -6.36 20.25
N PHE A 38 3.52 -5.19 20.03
CA PHE A 38 3.49 -4.55 18.72
C PHE A 38 4.62 -4.98 17.79
N GLN A 39 4.26 -5.65 16.70
CA GLN A 39 5.23 -5.99 15.67
C GLN A 39 5.43 -4.81 14.72
N SER A 40 6.48 -4.85 13.88
CA SER A 40 6.58 -3.90 12.79
C SER A 40 5.76 -4.45 11.63
N GLY A 41 5.45 -3.60 10.65
CA GLY A 41 4.60 -4.01 9.55
C GLY A 41 3.14 -3.85 9.92
N ILE A 42 2.27 -4.59 9.25
CA ILE A 42 0.85 -4.38 9.38
C ILE A 42 0.16 -5.46 10.21
N THR A 43 -0.53 -5.04 11.25
CA THR A 43 -1.52 -5.90 11.90
C THR A 43 -2.90 -5.31 11.69
N VAL A 44 -3.88 -6.15 11.37
CA VAL A 44 -5.27 -5.67 11.45
C VAL A 44 -5.96 -6.26 12.68
N VAL A 45 -6.58 -5.37 13.46
CA VAL A 45 -7.29 -5.73 14.69
C VAL A 45 -8.78 -5.87 14.39
N GLU A 46 -9.33 -7.06 14.61
CA GLU A 46 -10.71 -7.34 14.21
C GLU A 46 -11.53 -8.01 15.31
N GLY A 47 -12.83 -8.12 15.07
CA GLY A 47 -13.78 -8.62 16.04
C GLY A 47 -15.12 -7.91 15.89
N PRO A 48 -16.15 -8.42 16.58
CA PRO A 48 -17.52 -7.90 16.50
C PRO A 48 -17.66 -6.48 17.11
N ASN A 49 -18.75 -5.77 16.77
CA ASN A 49 -19.04 -4.49 17.40
C ASN A 49 -18.99 -4.58 18.92
N GLY A 50 -18.47 -3.54 19.57
CA GLY A 50 -18.43 -3.49 21.02
C GLY A 50 -17.50 -4.55 21.63
N ALA A 51 -16.70 -5.20 20.79
CA ALA A 51 -15.73 -6.15 21.29
C ALA A 51 -14.61 -5.46 22.09
N GLY A 52 -14.31 -4.20 21.74
CA GLY A 52 -13.31 -3.46 22.49
C GLY A 52 -12.12 -3.06 21.62
N LYS A 53 -12.32 -3.15 20.31
CA LYS A 53 -11.30 -2.78 19.35
C LYS A 53 -10.90 -1.30 19.52
N SER A 54 -11.87 -0.42 19.41
CA SER A 54 -11.59 0.99 19.66
C SER A 54 -11.04 1.25 21.07
N SER A 55 -11.51 0.49 22.05
CA SER A 55 -11.07 0.64 23.44
C SER A 55 -9.57 0.53 23.52
N LEU A 56 -9.04 -0.42 22.79
CA LEU A 56 -7.60 -0.61 22.67
C LEU A 56 -6.86 0.66 22.23
N PHE A 57 -7.30 1.21 21.10
CA PHE A 57 -6.70 2.41 20.53
C PHE A 57 -6.81 3.55 21.55
N GLU A 58 -7.95 3.68 22.22
CA GLU A 58 -8.11 4.72 23.22
C GLU A 58 -7.16 4.51 24.40
N ALA A 59 -6.98 3.26 24.82
CA ALA A 59 -6.06 2.94 25.92
C ALA A 59 -4.67 3.55 25.72
N ILE A 60 -4.19 3.56 24.48
CA ILE A 60 -2.90 4.14 24.18
C ILE A 60 -2.92 5.65 24.34
N SER A 61 -3.80 6.31 23.59
CA SER A 61 -4.10 7.72 23.83
C SER A 61 -4.15 8.03 25.33
N PHE A 62 -4.95 7.29 26.08
CA PHE A 62 -5.09 7.55 27.52
C PHE A 62 -3.78 7.33 28.27
N ALA A 63 -3.12 6.21 28.00
CA ALA A 63 -1.83 5.94 28.64
C ALA A 63 -0.90 7.15 28.49
N LEU A 64 -0.65 7.57 27.25
CA LEU A 64 0.24 8.71 27.03
C LEU A 64 -0.25 10.04 27.60
N PHE A 65 -1.53 10.40 27.40
CA PHE A 65 -1.94 11.78 27.66
C PHE A 65 -2.95 11.97 28.78
N GLY A 66 -3.47 10.87 29.31
CA GLY A 66 -4.39 10.95 30.43
C GLY A 66 -5.79 11.35 30.03
N ASN A 67 -6.08 11.23 28.75
CA ASN A 67 -7.45 11.31 28.28
C ASN A 67 -7.65 10.50 27.01
N GLY A 68 -8.89 10.09 26.77
CA GLY A 68 -9.23 9.42 25.52
C GLY A 68 -10.15 10.33 24.72
N ILE A 69 -10.72 9.79 23.66
CA ILE A 69 -11.51 10.60 22.73
C ILE A 69 -12.92 10.82 23.28
N ARG A 70 -13.37 9.81 24.00
CA ARG A 70 -14.79 9.43 24.11
C ARG A 70 -15.53 9.93 25.35
N TYR A 71 -14.83 10.06 26.48
CA TYR A 71 -15.39 10.68 27.68
C TYR A 71 -14.51 11.87 28.12
N PRO A 72 -15.08 12.80 28.90
CA PRO A 72 -14.38 13.93 29.51
C PRO A 72 -13.75 13.59 30.87
N ASN A 73 -14.38 12.73 31.64
CA ASN A 73 -13.85 12.32 32.96
C ASN A 73 -13.09 11.00 32.94
N SER A 74 -11.95 10.97 33.61
CA SER A 74 -11.14 9.76 33.72
C SER A 74 -11.97 8.56 34.09
N TYR A 75 -12.79 8.73 35.11
CA TYR A 75 -13.44 7.58 35.73
C TYR A 75 -14.60 7.05 34.88
N ASP A 76 -14.98 7.81 33.88
CA ASP A 76 -15.88 7.26 32.88
C ASP A 76 -15.23 6.08 32.15
N TYR A 77 -13.90 6.08 32.08
CA TYR A 77 -13.16 5.05 31.36
C TYR A 77 -13.08 3.74 32.12
N VAL A 78 -13.46 3.73 33.40
CA VAL A 78 -13.43 2.47 34.16
C VAL A 78 -14.47 1.52 33.60
N ASN A 79 -14.07 0.27 33.36
CA ASN A 79 -15.01 -0.74 32.91
C ASN A 79 -16.11 -1.00 33.97
N ARG A 80 -17.27 -0.39 33.74
CA ARG A 80 -18.41 -0.48 34.63
C ARG A 80 -18.95 -1.91 34.72
N ASN A 81 -18.48 -2.80 33.83
CA ASN A 81 -18.96 -4.18 33.84
C ASN A 81 -17.95 -5.14 34.48
N ALA A 82 -17.02 -4.59 35.23
CA ALA A 82 -16.14 -5.41 36.06
C ALA A 82 -16.48 -5.11 37.53
N VAL A 83 -16.65 -6.16 38.32
CA VAL A 83 -16.92 -5.94 39.76
C VAL A 83 -15.77 -5.17 40.44
N ASP A 84 -14.53 -5.52 40.11
CA ASP A 84 -13.36 -4.78 40.59
C ASP A 84 -13.14 -3.51 39.74
N GLY A 85 -13.68 -2.39 40.22
CA GLY A 85 -13.78 -1.19 39.42
C GLY A 85 -12.52 -0.35 39.33
N THR A 86 -11.42 -1.00 38.94
CA THR A 86 -10.16 -0.32 38.75
C THR A 86 -9.59 -0.62 37.39
N ALA A 87 -9.42 0.42 36.59
CA ALA A 87 -8.74 0.24 35.29
C ALA A 87 -7.23 0.32 35.51
N ARG A 88 -6.49 -0.57 34.87
CA ARG A 88 -5.03 -0.50 34.87
C ARG A 88 -4.48 -0.55 33.44
N LEU A 89 -3.70 0.46 33.10
CA LEU A 89 -3.04 0.54 31.81
C LEU A 89 -1.53 0.51 32.00
N VAL A 90 -0.88 -0.39 31.28
CA VAL A 90 0.58 -0.39 31.24
C VAL A 90 1.04 -0.27 29.79
N PHE A 91 1.73 0.83 29.49
CA PHE A 91 2.15 1.07 28.12
C PHE A 91 3.67 1.21 28.00
N GLN A 92 4.25 0.40 27.12
CA GLN A 92 5.70 0.40 26.89
C GLN A 92 6.08 0.87 25.49
N PHE A 93 6.83 1.97 25.40
CA PHE A 93 7.36 2.41 24.12
C PHE A 93 8.87 2.63 24.11
N GLU A 94 9.35 3.37 23.12
CA GLU A 94 10.78 3.50 22.81
C GLU A 94 11.04 4.79 22.05
N ARG A 95 12.20 5.41 22.29
CA ARG A 95 12.52 6.68 21.65
C ARG A 95 13.94 7.15 22.00
N GLY A 96 14.89 6.86 21.11
CA GLY A 96 16.28 7.23 21.33
C GLY A 96 17.06 6.08 21.94
N GLY A 97 16.73 4.86 21.54
CA GLY A 97 17.33 3.67 22.12
C GLY A 97 16.85 3.35 23.53
N LYS A 98 16.18 4.33 24.15
CA LYS A 98 15.66 4.18 25.51
C LYS A 98 14.27 3.54 25.52
N ARG A 99 14.00 2.76 26.57
CA ARG A 99 12.65 2.26 26.81
C ARG A 99 11.96 3.07 27.92
N TYR A 100 10.69 3.38 27.70
CA TYR A 100 9.88 3.98 28.74
C TYR A 100 8.69 3.07 29.03
N GLU A 101 8.17 3.18 30.23
CA GLU A 101 6.95 2.47 30.59
C GLU A 101 6.09 3.39 31.43
N ILE A 102 4.79 3.37 31.13
CA ILE A 102 3.82 4.20 31.84
C ILE A 102 2.81 3.31 32.52
N ILE A 103 2.51 3.64 33.77
CA ILE A 103 1.49 2.91 34.51
C ILE A 103 0.44 3.86 35.03
N ARG A 104 -0.82 3.61 34.68
CA ARG A 104 -1.92 4.35 35.29
C ARG A 104 -2.91 3.39 35.94
N GLU A 105 -3.60 3.90 36.96
CA GLU A 105 -4.77 3.20 37.48
C GLU A 105 -5.88 4.20 37.72
N ILE A 106 -7.10 3.84 37.31
CA ILE A 106 -8.26 4.67 37.64
C ILE A 106 -9.23 3.86 38.48
N ASN A 107 -9.62 4.46 39.61
CA ASN A 107 -10.56 3.81 40.51
C ASN A 107 -11.85 4.59 40.58
N ALA A 108 -12.96 3.92 40.26
CA ALA A 108 -14.26 4.57 40.20
C ALA A 108 -14.77 4.96 41.58
N LEU A 109 -14.80 3.98 42.49
CA LEU A 109 -15.26 4.23 43.87
C LEU A 109 -14.46 5.34 44.53
N GLN A 110 -13.13 5.20 44.54
CA GLN A 110 -12.27 6.24 45.10
C GLN A 110 -12.31 7.52 44.30
N ARG A 111 -12.51 7.40 42.98
CA ARG A 111 -12.28 8.53 42.08
C ARG A 111 -10.83 9.04 42.22
N LYS A 112 -9.90 8.10 42.27
CA LYS A 112 -8.48 8.39 42.19
C LYS A 112 -7.95 8.04 40.79
N HIS A 113 -7.17 8.96 40.22
CA HIS A 113 -6.38 8.69 39.02
C HIS A 113 -4.88 8.66 39.37
N ASN A 114 -4.27 7.48 39.28
CA ASN A 114 -2.82 7.35 39.50
C ASN A 114 -2.08 7.14 38.18
N ALA A 115 -0.92 7.80 38.06
CA ALA A 115 -0.09 7.74 36.86
C ALA A 115 1.40 7.77 37.23
N LYS A 116 2.21 7.08 36.45
CA LYS A 116 3.62 6.89 36.80
C LYS A 116 4.45 6.66 35.52
N LEU A 117 5.53 7.42 35.36
CA LEU A 117 6.42 7.27 34.19
C LEU A 117 7.86 6.93 34.62
N SER A 118 8.43 5.91 33.98
CA SER A 118 9.80 5.51 34.30
C SER A 118 10.56 4.92 33.11
N GLU A 119 11.88 5.07 33.13
CA GLU A 119 12.75 4.48 32.10
C GLU A 119 13.14 3.04 32.44
N ILE A 120 13.27 2.22 31.41
CA ILE A 120 13.75 0.85 31.60
C ILE A 120 15.15 0.69 31.00
N LEU A 121 15.93 -0.22 31.57
CA LEU A 121 17.38 -0.10 31.46
C LEU A 121 18.15 -1.39 31.32
N GLU A 122 19.43 -1.28 31.65
CA GLU A 122 20.23 -2.41 32.09
C GLU A 122 19.39 -3.33 32.99
N ASN A 123 18.57 -4.17 32.37
CA ASN A 123 17.88 -5.27 33.06
C ASN A 123 16.64 -4.85 33.86
N GLY A 124 16.25 -5.68 34.82
CA GLY A 124 15.02 -5.41 35.57
C GLY A 124 14.95 -4.01 36.16
N LYS A 125 15.52 -3.02 35.47
CA LYS A 125 15.78 -1.71 36.07
C LYS A 125 14.85 -0.58 35.62
N LYS A 126 14.47 0.25 36.60
CA LYS A 126 13.41 1.24 36.47
C LYS A 126 13.81 2.58 37.08
N ALA A 127 13.76 3.64 36.27
CA ALA A 127 14.12 4.96 36.74
C ALA A 127 12.96 5.95 36.63
N ALA A 128 12.28 6.16 37.75
CA ALA A 128 11.16 7.11 37.80
C ALA A 128 11.48 8.43 37.11
N ILE A 129 10.45 9.03 36.52
CA ILE A 129 10.56 10.32 35.86
C ILE A 129 9.40 11.19 36.32
N ALA A 130 8.26 10.56 36.56
CA ALA A 130 7.10 11.24 37.17
C ALA A 130 6.08 10.30 37.79
N ALA A 131 5.52 10.75 38.90
CA ALA A 131 4.30 10.22 39.48
C ALA A 131 3.35 11.41 39.42
N LYS A 132 2.10 11.25 39.81
CA LYS A 132 1.10 12.29 39.50
C LYS A 132 0.88 12.39 37.98
N PRO A 133 -0.39 12.46 37.57
CA PRO A 133 -0.71 12.50 36.12
C PRO A 133 -0.36 13.81 35.43
N THR A 134 -0.29 14.92 36.16
CA THR A 134 0.10 16.20 35.54
C THR A 134 1.55 16.17 35.08
N SER A 135 2.40 15.58 35.91
CA SER A 135 3.84 15.54 35.63
C SER A 135 4.12 14.53 34.54
N VAL A 136 3.36 13.44 34.56
CA VAL A 136 3.52 12.37 33.59
C VAL A 136 3.18 12.86 32.18
N LYS A 137 2.09 13.62 32.08
CA LYS A 137 1.68 14.24 30.81
C LYS A 137 2.79 15.15 30.33
N GLN A 138 3.17 16.08 31.21
CA GLN A 138 4.30 16.99 31.02
C GLN A 138 5.52 16.30 30.42
N GLU A 139 5.99 15.26 31.11
CA GLU A 139 7.21 14.58 30.74
C GLU A 139 7.06 13.77 29.48
N VAL A 140 5.85 13.26 29.25
CA VAL A 140 5.59 12.46 28.05
C VAL A 140 5.62 13.31 26.79
N GLU A 141 4.98 14.49 26.84
CA GLU A 141 5.07 15.42 25.72
C GLU A 141 6.55 15.70 25.47
N LYS A 142 7.26 16.07 26.52
CA LYS A 142 8.73 16.26 26.46
C LYS A 142 9.39 15.12 25.70
N ILE A 143 9.31 13.91 26.25
CA ILE A 143 9.88 12.75 25.59
C ILE A 143 9.50 12.70 24.12
N LEU A 144 8.20 12.71 23.87
CA LEU A 144 7.63 12.50 22.53
C LEU A 144 7.91 13.64 21.56
N GLY A 145 7.98 14.86 22.09
CA GLY A 145 8.16 16.02 21.24
C GLY A 145 6.89 16.57 20.64
N ILE A 146 5.86 15.73 20.52
CA ILE A 146 4.60 16.18 19.93
C ILE A 146 3.49 16.30 20.96
N GLU A 147 2.48 17.11 20.64
CA GLU A 147 1.35 17.34 21.52
C GLU A 147 0.26 16.30 21.28
N HIS A 148 -0.70 16.25 22.19
CA HIS A 148 -1.81 15.30 22.04
C HIS A 148 -2.55 15.59 20.73
N ARG A 149 -2.78 16.88 20.45
CA ARG A 149 -3.49 17.31 19.23
C ARG A 149 -2.80 16.87 17.96
N THR A 150 -1.47 16.92 17.92
CA THR A 150 -0.82 16.56 16.68
C THR A 150 -0.74 15.03 16.57
N PHE A 151 -0.90 14.35 17.68
CA PHE A 151 -0.81 12.91 17.70
C PHE A 151 -2.05 12.28 17.05
N ILE A 152 -3.23 12.77 17.44
CA ILE A 152 -4.47 12.24 16.88
C ILE A 152 -4.75 12.71 15.45
N ARG A 153 -4.05 13.75 14.99
CA ARG A 153 -4.31 14.24 13.65
C ARG A 153 -3.36 13.66 12.64
N THR A 154 -2.35 12.93 13.10
CA THR A 154 -1.28 12.51 12.21
C THR A 154 -1.23 11.02 12.01
N VAL A 155 -0.99 10.28 13.09
CA VAL A 155 -0.73 8.86 12.95
C VAL A 155 -1.60 8.03 13.89
N PHE A 156 -2.34 8.73 14.73
CA PHE A 156 -3.32 8.09 15.59
C PHE A 156 -4.69 8.64 15.25
N LEU A 157 -5.27 8.12 14.17
CA LEU A 157 -6.52 8.65 13.64
C LEU A 157 -7.70 7.93 14.27
N PRO A 158 -8.38 8.60 15.22
CA PRO A 158 -9.48 8.08 16.03
C PRO A 158 -10.74 7.89 15.21
N GLN A 159 -11.50 6.83 15.52
CA GLN A 159 -12.76 6.52 14.82
C GLN A 159 -13.67 7.76 14.63
N GLY A 160 -14.32 7.85 13.48
CA GLY A 160 -15.16 8.98 13.15
C GLY A 160 -14.42 10.28 12.85
N GLU A 161 -13.12 10.31 13.10
CA GLU A 161 -12.38 11.56 12.90
C GLU A 161 -11.30 11.48 11.81
N ILE A 162 -11.55 10.65 10.79
CA ILE A 162 -10.55 10.39 9.75
C ILE A 162 -10.11 11.65 9.04
N ASP A 163 -11.02 12.62 8.94
CA ASP A 163 -10.82 13.79 8.09
C ASP A 163 -10.38 15.02 8.87
N LYS A 164 -10.00 14.84 10.14
CA LYS A 164 -9.70 16.02 10.94
C LYS A 164 -8.57 16.88 10.36
N LEU A 165 -7.44 16.25 10.04
CA LEU A 165 -6.35 17.00 9.43
C LEU A 165 -6.88 17.66 8.15
N LEU A 166 -7.40 16.85 7.23
CA LEU A 166 -7.86 17.35 5.93
C LEU A 166 -8.60 18.70 6.02
N ILE A 167 -9.50 18.84 6.99
CA ILE A 167 -10.33 20.04 7.10
C ILE A 167 -9.88 20.99 8.20
N SER A 168 -8.63 20.87 8.64
CA SER A 168 -8.08 21.77 9.66
C SER A 168 -7.74 23.14 9.07
N PRO A 169 -7.81 24.18 9.92
CA PRO A 169 -7.35 25.54 9.55
C PRO A 169 -5.86 25.53 9.21
N PRO A 170 -5.44 26.38 8.26
CA PRO A 170 -4.03 26.31 7.84
C PRO A 170 -3.08 26.50 9.03
N SER A 171 -3.42 27.44 9.92
CA SER A 171 -2.71 27.62 11.18
C SER A 171 -2.38 26.29 11.88
N GLU A 172 -3.41 25.51 12.17
CA GLU A 172 -3.21 24.21 12.82
C GLU A 172 -2.38 23.29 11.94
N ILE A 173 -2.58 23.35 10.64
CA ILE A 173 -1.82 22.47 9.75
C ILE A 173 -0.32 22.71 9.89
N THR A 174 0.12 23.97 9.75
CA THR A 174 1.55 24.30 9.88
C THR A 174 2.04 24.08 11.30
N GLU A 175 1.19 24.38 12.28
CA GLU A 175 1.57 24.27 13.67
C GLU A 175 1.90 22.82 14.08
N ILE A 176 1.48 21.86 13.28
CA ILE A 176 1.80 20.48 13.61
C ILE A 176 2.73 19.80 12.60
N ILE A 177 2.93 20.44 11.45
CA ILE A 177 4.04 20.08 10.60
C ILE A 177 5.34 20.42 11.34
N SER A 178 5.37 21.63 11.91
CA SER A 178 6.50 22.09 12.72
C SER A 178 6.77 21.11 13.88
N ASP A 179 5.71 20.78 14.60
CA ASP A 179 5.78 19.93 15.77
C ASP A 179 6.30 18.54 15.43
N VAL A 180 5.89 18.00 14.30
CA VAL A 180 6.36 16.68 13.92
C VAL A 180 7.83 16.71 13.44
N PHE A 181 8.26 17.83 12.86
CA PHE A 181 9.49 17.80 12.05
C PHE A 181 10.66 18.61 12.59
N GLN A 182 10.48 19.27 13.73
CA GLN A 182 11.42 20.31 14.14
C GLN A 182 12.55 19.92 15.08
N SER A 183 12.21 19.14 16.10
CA SER A 183 13.11 18.95 17.24
C SER A 183 13.13 20.29 18.01
N LYS A 184 11.95 20.72 18.42
CA LYS A 184 11.72 22.05 18.98
C LYS A 184 12.45 22.30 20.30
N GLU A 185 12.97 21.24 20.92
CA GLU A 185 13.77 21.40 22.12
C GLU A 185 15.24 21.63 21.79
N THR A 186 15.77 20.90 20.80
CA THR A 186 17.09 21.22 20.22
C THR A 186 17.09 22.67 19.77
N LEU A 187 15.96 23.11 19.25
CA LEU A 187 15.81 24.48 18.80
C LEU A 187 15.79 25.46 19.98
N GLU A 188 15.05 25.11 21.03
CA GLU A 188 14.90 26.02 22.17
C GLU A 188 16.21 26.24 22.94
N LYS A 189 17.05 25.20 23.00
CA LYS A 189 18.36 25.32 23.62
C LYS A 189 19.26 26.19 22.75
N LEU A 190 19.14 26.02 21.44
CA LEU A 190 19.91 26.80 20.49
C LEU A 190 19.66 28.29 20.68
N GLU A 191 18.39 28.70 20.61
CA GLU A 191 18.03 30.12 20.66
C GLU A 191 18.56 30.82 21.91
N LYS A 192 18.55 30.11 23.04
CA LYS A 192 19.04 30.67 24.30
C LYS A 192 20.54 30.46 24.52
N LEU A 193 21.14 29.54 23.76
CA LEU A 193 22.60 29.40 23.75
C LEU A 193 23.19 30.58 22.99
N LEU A 194 22.47 31.04 21.97
CA LEU A 194 22.81 32.22 21.18
C LEU A 194 22.76 33.52 21.99
N LYS A 195 21.67 33.74 22.72
CA LYS A 195 21.58 34.97 23.51
C LYS A 195 22.81 35.06 24.41
N GLU A 196 23.08 33.97 25.11
CA GLU A 196 24.19 33.88 26.05
C GLU A 196 25.55 34.04 25.34
N LYS A 197 25.64 33.54 24.11
CA LYS A 197 26.90 33.63 23.36
C LYS A 197 27.15 35.06 22.91
N MET A 198 26.07 35.76 22.57
CA MET A 198 26.15 37.13 22.08
C MET A 198 26.33 38.14 23.21
N LYS A 199 25.68 37.89 24.35
CA LYS A 199 25.77 38.79 25.50
C LYS A 199 27.18 38.82 26.12
N LYS A 200 27.77 37.63 26.30
CA LYS A 200 29.14 37.54 26.79
C LYS A 200 30.09 38.27 25.85
N LEU A 201 29.85 38.12 24.55
CA LEU A 201 30.61 38.81 23.51
C LEU A 201 30.41 40.32 23.56
N GLU A 202 29.15 40.76 23.60
CA GLU A 202 28.84 42.17 23.78
C GLU A 202 29.56 42.72 25.02
N ASN A 203 29.47 41.95 26.11
CA ASN A 203 30.10 42.30 27.39
C ASN A 203 31.60 42.49 27.21
N GLU A 204 32.22 41.50 26.59
CA GLU A 204 33.64 41.53 26.27
C GLU A 204 34.06 42.69 25.34
N ILE A 205 33.13 43.15 24.51
CA ILE A 205 33.41 44.28 23.61
C ILE A 205 33.37 45.61 24.38
N SER A 206 32.34 45.77 25.22
CA SER A 206 32.24 46.95 26.07
C SER A 206 33.40 46.99 27.08
N SER A 207 34.60 46.64 26.61
CA SER A 207 35.79 46.57 27.44
C SER A 207 37.03 46.23 26.60
N SER A 216 46.70 45.63 17.45
CA SER A 216 46.76 44.36 18.18
C SER A 216 45.62 44.19 19.20
N LEU A 217 45.06 45.29 19.67
CA LEU A 217 43.87 45.25 20.51
C LEU A 217 42.63 45.36 19.64
N GLU A 218 42.75 46.17 18.58
CA GLU A 218 41.73 46.23 17.52
C GLU A 218 41.60 44.85 16.84
N LYS A 219 42.71 44.11 16.81
CA LYS A 219 42.76 42.76 16.27
C LYS A 219 42.00 41.73 17.11
N LYS A 220 42.22 41.75 18.43
CA LYS A 220 41.43 40.91 19.33
C LYS A 220 39.96 41.33 19.23
N LEU A 221 39.74 42.64 19.04
CA LEU A 221 38.40 43.20 18.91
C LEU A 221 37.76 42.83 17.57
N LYS A 222 38.56 42.84 16.50
CA LYS A 222 38.06 42.42 15.19
C LYS A 222 37.42 41.04 15.30
N GLU A 223 38.20 40.09 15.82
CA GLU A 223 37.78 38.70 15.93
C GLU A 223 36.53 38.56 16.81
N MET A 224 36.54 39.24 17.96
CA MET A 224 35.42 39.17 18.89
C MET A 224 34.15 39.80 18.31
N SER A 225 34.31 40.70 17.36
CA SER A 225 33.17 41.34 16.72
C SER A 225 32.77 40.58 15.45
N ASP A 226 33.78 40.07 14.74
CA ASP A 226 33.53 39.19 13.61
C ASP A 226 32.67 38.03 14.05
N GLU A 227 33.06 37.42 15.16
CA GLU A 227 32.35 36.28 15.72
C GLU A 227 30.92 36.64 16.11
N TYR A 228 30.75 37.85 16.63
CA TYR A 228 29.45 38.33 17.11
C TYR A 228 28.42 38.56 16.01
N ASN A 229 28.85 39.14 14.90
CA ASN A 229 27.90 39.48 13.84
C ASN A 229 27.39 38.27 13.03
N ASN A 230 28.22 37.23 12.89
CA ASN A 230 27.71 35.93 12.45
C ASN A 230 26.54 35.51 13.34
N LEU A 231 26.84 35.33 14.63
CA LEU A 231 25.82 35.00 15.63
C LEU A 231 24.55 35.82 15.50
N ASP A 232 24.68 37.09 15.12
CA ASP A 232 23.48 37.92 14.95
C ASP A 232 22.74 37.48 13.70
N LEU A 233 23.51 37.08 12.68
CA LEU A 233 22.95 36.55 11.44
C LEU A 233 22.22 35.22 11.69
N LEU A 234 22.96 34.22 12.18
CA LEU A 234 22.38 32.92 12.50
C LEU A 234 21.09 33.09 13.31
N ARG A 235 21.09 34.05 14.23
CA ARG A 235 19.89 34.36 15.01
C ARG A 235 18.76 34.82 14.10
N LYS A 236 19.09 35.66 13.13
CA LYS A 236 18.10 36.26 12.23
C LYS A 236 17.39 35.25 11.32
N TYR A 237 18.16 34.49 10.55
CA TYR A 237 17.61 33.46 9.68
C TYR A 237 17.12 32.23 10.45
N LEU A 238 16.61 32.43 11.66
CA LEU A 238 16.26 31.30 12.50
C LEU A 238 15.11 31.59 13.45
N PHE A 239 14.91 32.87 13.79
CA PHE A 239 13.84 33.25 14.71
C PHE A 239 13.17 34.58 14.33
N ASP A 240 12.98 34.75 13.02
CA ASP A 240 12.04 35.74 12.47
C ASP A 240 10.79 34.94 12.11
N LYS A 241 10.92 33.62 12.30
CA LYS A 241 9.84 32.66 12.19
C LYS A 241 9.15 32.76 10.83
N SER A 242 8.46 33.88 10.62
CA SER A 242 7.77 34.16 9.37
C SER A 242 8.68 34.10 8.14
N ASN A 243 9.86 33.52 8.31
CA ASN A 243 10.82 33.42 7.22
C ASN A 243 11.23 31.99 6.89
N PHE A 244 12.09 31.42 7.74
CA PHE A 244 12.55 30.07 7.54
C PHE A 244 11.53 29.05 8.01
N SER A 245 10.86 29.36 9.12
CA SER A 245 9.84 28.44 9.64
C SER A 245 8.78 28.18 8.59
N ARG A 246 8.22 29.25 8.03
CA ARG A 246 7.22 29.10 6.98
C ARG A 246 7.85 28.38 5.79
N TYR A 247 9.00 28.87 5.35
CA TYR A 247 9.75 28.20 4.29
C TYR A 247 9.81 26.69 4.56
N PHE A 248 10.30 26.33 5.74
CA PHE A 248 10.42 24.93 6.16
C PHE A 248 9.11 24.14 6.02
N THR A 249 8.02 24.66 6.61
CA THR A 249 6.76 23.93 6.58
C THR A 249 6.25 23.75 5.16
N GLY A 250 6.35 24.82 4.36
CA GLY A 250 6.05 24.73 2.94
C GLY A 250 6.78 23.59 2.25
N ARG A 251 8.10 23.54 2.41
CA ARG A 251 8.86 22.50 1.73
C ARG A 251 8.44 21.11 2.20
N VAL A 252 8.16 20.95 3.49
CA VAL A 252 7.68 19.65 3.98
C VAL A 252 6.28 19.32 3.45
N LEU A 253 5.35 20.28 3.54
CA LEU A 253 4.02 20.09 2.97
C LEU A 253 4.13 19.70 1.49
N GLU A 254 5.03 20.36 0.76
CA GLU A 254 5.32 19.99 -0.63
C GLU A 254 5.65 18.51 -0.75
N ALA A 255 6.56 18.03 0.10
CA ALA A 255 6.94 16.64 0.01
C ALA A 255 5.73 15.75 0.27
N VAL A 256 4.88 16.16 1.22
CA VAL A 256 3.69 15.39 1.58
C VAL A 256 2.63 15.37 0.47
N LEU A 257 2.25 16.56 0.00
CA LEU A 257 1.26 16.67 -1.05
C LEU A 257 1.72 16.03 -2.34
N LYS A 258 3.03 16.00 -2.54
CA LYS A 258 3.61 15.35 -3.71
C LYS A 258 3.16 13.89 -3.73
N ARG A 259 3.40 13.20 -2.61
CA ARG A 259 2.97 11.82 -2.43
C ARG A 259 1.45 11.64 -2.45
N THR A 260 0.73 12.56 -1.80
CA THR A 260 -0.72 12.46 -1.77
C THR A 260 -1.30 12.52 -3.17
N LYS A 261 -0.89 13.52 -3.94
CA LYS A 261 -1.30 13.65 -5.35
C LYS A 261 -1.07 12.35 -6.13
N ALA A 262 0.10 11.74 -5.91
CA ALA A 262 0.43 10.45 -6.51
C ALA A 262 -0.58 9.37 -6.14
N TYR A 263 -0.92 9.28 -4.86
CA TYR A 263 -1.89 8.28 -4.42
C TYR A 263 -3.28 8.56 -4.99
N LEU A 264 -3.63 9.84 -5.10
CA LEU A 264 -4.92 10.22 -5.67
C LEU A 264 -4.98 9.86 -7.14
N ASP A 265 -3.88 10.07 -7.84
CA ASP A 265 -3.79 9.72 -9.26
C ASP A 265 -4.01 8.21 -9.43
N ILE A 266 -3.40 7.41 -8.59
CA ILE A 266 -3.68 5.97 -8.64
C ILE A 266 -5.14 5.72 -8.34
N LEU A 267 -5.61 6.21 -7.19
CA LEU A 267 -6.93 5.82 -6.71
C LEU A 267 -8.08 6.42 -7.54
N THR A 268 -7.85 7.52 -8.24
CA THR A 268 -8.96 8.23 -8.89
C THR A 268 -8.76 8.59 -10.38
N ASN A 269 -7.76 7.99 -11.00
CA ASN A 269 -7.44 8.30 -12.41
C ASN A 269 -7.20 9.79 -12.65
N GLY A 270 -6.59 10.44 -11.66
CA GLY A 270 -6.21 11.83 -11.80
C GLY A 270 -7.40 12.76 -11.69
N ARG A 271 -8.56 12.20 -11.37
CA ARG A 271 -9.74 13.04 -11.22
C ARG A 271 -9.64 13.97 -10.01
N PHE A 272 -9.22 13.42 -8.87
CA PHE A 272 -9.10 14.24 -7.67
C PHE A 272 -7.67 14.73 -7.43
N ASP A 273 -7.58 16.00 -7.01
CA ASP A 273 -6.33 16.64 -6.74
C ASP A 273 -6.44 17.41 -5.42
N ILE A 274 -5.30 17.62 -4.76
CA ILE A 274 -5.27 18.33 -3.49
C ILE A 274 -4.11 19.33 -3.46
N ASP A 275 -4.29 20.45 -2.78
CA ASP A 275 -3.23 21.42 -2.63
C ASP A 275 -3.31 22.09 -1.27
N PHE A 276 -2.25 22.82 -0.89
CA PHE A 276 -2.27 23.60 0.33
C PHE A 276 -2.11 25.07 0.02
N ASP A 277 -2.98 25.90 0.59
CA ASP A 277 -2.92 27.34 0.38
C ASP A 277 -3.44 28.03 1.63
N ASP A 278 -2.54 28.60 2.43
CA ASP A 278 -2.94 29.23 3.69
C ASP A 278 -4.01 30.33 3.52
N GLU A 279 -4.04 30.97 2.36
CA GLU A 279 -4.99 32.04 2.14
C GLU A 279 -6.37 31.53 1.69
N LYS A 280 -6.39 30.35 1.07
CA LYS A 280 -7.64 29.72 0.62
C LYS A 280 -8.25 28.86 1.72
N GLY A 281 -7.62 28.85 2.89
CA GLY A 281 -8.19 28.16 4.04
C GLY A 281 -7.60 26.80 4.35
N GLY A 282 -6.59 26.37 3.59
CA GLY A 282 -5.88 25.15 3.93
C GLY A 282 -5.80 24.12 2.81
N PHE A 283 -6.29 22.92 3.09
CA PHE A 283 -6.30 21.93 2.03
C PHE A 283 -7.47 22.19 1.09
N ILE A 284 -7.15 22.26 -0.19
CA ILE A 284 -8.12 22.55 -1.20
C ILE A 284 -8.20 21.34 -2.07
N ILE A 285 -9.42 20.83 -2.25
CA ILE A 285 -9.64 19.67 -3.09
C ILE A 285 -10.26 20.11 -4.38
N LYS A 286 -9.83 19.51 -5.48
CA LYS A 286 -10.45 19.77 -6.78
C LYS A 286 -10.93 18.48 -7.41
N ASP A 287 -12.15 18.53 -7.95
CA ASP A 287 -12.67 17.44 -8.73
C ASP A 287 -12.69 17.90 -10.19
N TRP A 288 -11.90 17.25 -11.05
CA TRP A 288 -11.82 17.64 -12.48
C TRP A 288 -11.52 19.15 -12.60
N GLY A 289 -10.54 19.62 -11.84
CA GLY A 289 -10.20 21.03 -11.89
C GLY A 289 -11.06 21.96 -11.08
N ILE A 290 -12.20 21.44 -10.59
CA ILE A 290 -13.15 22.29 -9.87
C ILE A 290 -13.08 22.13 -8.34
N GLU A 291 -13.05 23.27 -7.66
CA GLU A 291 -12.92 23.30 -6.22
C GLU A 291 -14.15 22.68 -5.58
N ARG A 292 -13.93 21.75 -4.65
CA ARG A 292 -15.03 21.13 -3.90
C ARG A 292 -14.71 21.01 -2.43
N PRO A 293 -15.46 21.73 -1.62
CA PRO A 293 -15.36 21.67 -0.15
C PRO A 293 -15.44 20.19 0.29
N ALA A 294 -14.65 19.82 1.30
CA ALA A 294 -14.67 18.46 1.80
C ALA A 294 -16.07 17.99 2.15
N ARG A 295 -16.87 18.90 2.71
CA ARG A 295 -18.25 18.56 3.10
C ARG A 295 -19.10 18.15 1.88
N GLY A 296 -18.59 18.44 0.68
CA GLY A 296 -19.36 18.21 -0.53
C GLY A 296 -19.03 16.88 -1.16
N LEU A 297 -17.93 16.29 -0.72
CA LEU A 297 -17.50 14.98 -1.23
C LEU A 297 -18.46 13.88 -0.79
N SER A 298 -18.44 12.75 -1.50
CA SER A 298 -19.07 11.55 -0.97
C SER A 298 -18.26 11.08 0.25
N GLY A 299 -18.96 10.43 1.20
CA GLY A 299 -18.31 9.83 2.36
C GLY A 299 -17.07 9.05 1.94
N GLY A 300 -17.25 8.15 0.97
CA GLY A 300 -16.14 7.40 0.42
C GLY A 300 -14.97 8.24 -0.07
N GLU A 301 -15.26 9.33 -0.77
CA GLU A 301 -14.19 10.19 -1.32
C GLU A 301 -13.42 10.88 -0.20
N ARG A 302 -14.15 11.40 0.79
CA ARG A 302 -13.55 12.00 1.98
C ARG A 302 -12.57 11.02 2.67
N ALA A 303 -12.98 9.77 2.80
CA ALA A 303 -12.16 8.77 3.45
C ALA A 303 -10.89 8.50 2.64
N LEU A 304 -11.08 8.30 1.35
CA LEU A 304 -10.00 7.99 0.43
C LEU A 304 -8.93 9.09 0.44
N ILE A 305 -9.39 10.34 0.52
CA ILE A 305 -8.49 11.47 0.52
C ILE A 305 -7.79 11.62 1.88
N SER A 306 -8.54 11.53 2.96
CA SER A 306 -7.95 11.57 4.31
C SER A 306 -6.88 10.49 4.47
N ILE A 307 -7.20 9.28 4.00
CA ILE A 307 -6.26 8.17 4.12
C ILE A 307 -4.95 8.41 3.33
N SER A 308 -5.08 8.80 2.06
CA SER A 308 -3.90 9.16 1.25
C SER A 308 -3.09 10.25 1.92
N LEU A 309 -3.76 11.28 2.41
CA LEU A 309 -3.05 12.36 3.07
C LEU A 309 -2.29 11.84 4.28
N ALA A 310 -2.98 11.07 5.12
CA ALA A 310 -2.40 10.52 6.36
C ALA A 310 -1.26 9.59 6.06
N MET A 311 -1.48 8.72 5.08
CA MET A 311 -0.48 7.75 4.65
C MET A 311 0.77 8.47 4.14
N SER A 312 0.55 9.57 3.43
CA SER A 312 1.65 10.35 2.91
C SER A 312 2.41 11.00 4.04
N LEU A 313 1.67 11.52 5.01
CA LEU A 313 2.28 12.18 6.13
C LEU A 313 3.21 11.17 6.80
N ALA A 314 2.71 9.95 7.02
CA ALA A 314 3.47 8.96 7.77
C ALA A 314 4.76 8.54 7.06
N GLU A 315 4.71 8.40 5.73
CA GLU A 315 5.91 8.18 4.92
C GLU A 315 6.94 9.31 5.11
N VAL A 316 6.53 10.54 4.82
CA VAL A 316 7.44 11.67 4.97
C VAL A 316 7.96 11.77 6.40
N ALA A 317 7.18 11.26 7.34
CA ALA A 317 7.52 11.37 8.76
C ALA A 317 8.21 10.12 9.28
N SER A 318 8.51 9.18 8.38
CA SER A 318 9.35 8.05 8.74
C SER A 318 10.61 8.58 9.43
N GLY A 319 11.12 7.83 10.40
CA GLY A 319 12.26 8.31 11.16
C GLY A 319 11.82 9.07 12.39
N ARG A 320 11.09 10.17 12.20
CA ARG A 320 10.42 10.87 13.30
C ARG A 320 9.41 9.95 14.03
N LEU A 321 8.42 9.45 13.30
CA LEU A 321 7.38 8.59 13.86
C LEU A 321 7.44 7.20 13.27
N ASP A 322 7.29 6.19 14.13
CA ASP A 322 7.47 4.81 13.69
C ASP A 322 6.18 4.00 13.82
N ALA A 323 5.07 4.70 14.01
CA ALA A 323 3.76 4.07 14.23
C ALA A 323 2.67 4.73 13.41
N PHE A 324 1.70 3.95 12.97
CA PHE A 324 0.57 4.48 12.22
C PHE A 324 -0.71 3.65 12.50
N PHE A 325 -1.66 4.25 13.21
CA PHE A 325 -2.91 3.58 13.57
C PHE A 325 -4.14 4.17 12.88
N ILE A 326 -4.96 3.33 12.27
CA ILE A 326 -6.27 3.77 11.80
C ILE A 326 -7.40 2.99 12.47
N ASP A 327 -8.25 3.74 13.18
CA ASP A 327 -9.34 3.20 13.98
C ASP A 327 -10.66 3.22 13.21
N GLU A 328 -11.01 2.08 12.62
CA GLU A 328 -12.31 1.90 11.92
C GLU A 328 -12.59 2.94 10.81
N GLY A 329 -11.54 3.38 10.11
CA GLY A 329 -11.70 4.34 9.02
C GLY A 329 -12.04 3.84 7.61
N PHE A 330 -12.57 2.62 7.46
CA PHE A 330 -12.74 2.00 6.13
C PHE A 330 -14.18 1.68 5.79
N SER A 331 -15.06 1.96 6.73
CA SER A 331 -16.46 1.58 6.60
C SER A 331 -17.13 2.18 5.36
N SER A 332 -17.03 3.50 5.22
CA SER A 332 -17.67 4.18 4.11
C SER A 332 -17.09 3.83 2.75
N LEU A 333 -16.02 3.03 2.70
CA LEU A 333 -15.43 2.65 1.42
C LEU A 333 -16.28 1.58 0.75
N CYS A 334 -16.42 1.66 -0.56
CA CYS A 334 -17.12 0.60 -1.27
C CYS A 334 -16.15 -0.52 -1.62
N THR A 335 -16.70 -1.65 -2.03
CA THR A 335 -15.88 -2.81 -2.29
C THR A 335 -14.66 -2.54 -3.19
N GLU A 336 -14.84 -1.80 -4.28
CA GLU A 336 -13.71 -1.61 -5.20
C GLU A 336 -12.68 -0.59 -4.68
N ASN A 337 -13.11 0.38 -3.88
CA ASN A 337 -12.15 1.25 -3.19
C ASN A 337 -11.41 0.56 -2.03
N LYS A 338 -12.07 -0.40 -1.39
CA LYS A 338 -11.47 -1.15 -0.29
C LYS A 338 -10.20 -1.88 -0.75
N GLU A 339 -10.33 -2.65 -1.84
CA GLU A 339 -9.17 -3.32 -2.42
C GLU A 339 -8.09 -2.30 -2.85
N LYS A 340 -8.50 -1.35 -3.68
CA LYS A 340 -7.60 -0.31 -4.15
C LYS A 340 -6.77 0.26 -2.99
N ILE A 341 -7.43 0.48 -1.87
CA ILE A 341 -6.81 1.17 -0.76
C ILE A 341 -5.92 0.22 0.07
N ALA A 342 -6.34 -1.04 0.18
CA ALA A 342 -5.53 -2.06 0.84
C ALA A 342 -4.20 -2.19 0.10
N SER A 343 -4.30 -2.32 -1.22
CA SER A 343 -3.15 -2.38 -2.10
C SER A 343 -2.15 -1.22 -1.87
N VAL A 344 -2.67 0.00 -1.80
CA VAL A 344 -1.83 1.16 -1.51
C VAL A 344 -1.21 1.13 -0.10
N LEU A 345 -1.93 0.63 0.89
CA LEU A 345 -1.43 0.65 2.26
C LEU A 345 -0.30 -0.36 2.52
N LYS A 346 -0.25 -1.43 1.73
CA LYS A 346 0.83 -2.41 1.84
C LYS A 346 2.19 -1.77 1.50
N GLU A 347 2.16 -0.73 0.68
CA GLU A 347 3.40 0.00 0.36
C GLU A 347 3.95 0.68 1.62
N LEU A 348 3.24 0.54 2.73
CA LEU A 348 3.71 1.04 4.01
C LEU A 348 4.54 -0.01 4.73
N GLU A 349 4.34 -1.28 4.34
CA GLU A 349 5.02 -2.41 4.96
C GLU A 349 6.54 -2.31 4.82
N ARG A 350 6.99 -1.36 3.99
CA ARG A 350 8.41 -1.19 3.71
C ARG A 350 9.21 -0.46 4.80
N LEU A 351 8.53 0.18 5.75
CA LEU A 351 9.23 1.17 6.58
C LEU A 351 9.48 0.79 8.05
N ASN A 352 9.45 -0.50 8.37
CA ASN A 352 9.44 -0.96 9.77
C ASN A 352 8.73 0.06 10.69
N LYS A 353 7.49 0.38 10.32
CA LYS A 353 6.59 1.09 11.17
C LYS A 353 5.71 0.03 11.83
N VAL A 354 5.30 0.28 13.07
CA VAL A 354 4.20 -0.51 13.60
C VAL A 354 2.89 0.10 13.09
N ILE A 355 2.13 -0.70 12.37
CA ILE A 355 0.96 -0.23 11.67
C ILE A 355 -0.21 -1.11 12.08
N VAL A 356 -1.29 -0.45 12.55
CA VAL A 356 -2.47 -1.17 12.98
C VAL A 356 -3.74 -0.57 12.39
N PHE A 357 -4.53 -1.42 11.73
CA PHE A 357 -5.85 -1.02 11.27
C PHE A 357 -6.94 -1.78 12.04
N ILE A 358 -7.79 -1.05 12.75
CA ILE A 358 -8.96 -1.64 13.40
C ILE A 358 -10.15 -1.69 12.44
N THR A 359 -10.68 -2.88 12.21
CA THR A 359 -11.84 -2.99 11.33
C THR A 359 -12.60 -4.28 11.61
N CYS A 360 -13.92 -4.26 11.41
CA CYS A 360 -14.65 -5.51 11.49
C CYS A 360 -15.13 -5.94 10.10
N ASP A 361 -14.46 -5.40 9.08
CA ASP A 361 -14.84 -5.68 7.69
C ASP A 361 -14.07 -6.80 6.98
N ARG A 362 -14.81 -7.82 6.55
CA ARG A 362 -14.25 -9.00 5.88
C ARG A 362 -13.44 -8.63 4.65
N GLU A 363 -14.06 -7.84 3.78
CA GLU A 363 -13.47 -7.51 2.49
C GLU A 363 -12.19 -6.69 2.63
N PHE A 364 -12.09 -5.87 3.67
CA PHE A 364 -10.85 -5.14 3.87
C PHE A 364 -9.79 -6.00 4.58
N SER A 365 -10.21 -6.87 5.50
CA SER A 365 -9.24 -7.67 6.25
C SER A 365 -8.67 -8.86 5.44
N GLU A 366 -9.47 -9.45 4.55
CA GLU A 366 -8.98 -10.51 3.65
C GLU A 366 -7.62 -10.15 3.05
N ALA A 367 -7.42 -8.88 2.76
CA ALA A 367 -6.19 -8.40 2.14
C ALA A 367 -4.93 -8.59 2.98
N PHE A 368 -5.06 -8.60 4.30
CA PHE A 368 -3.86 -8.68 5.14
C PHE A 368 -3.74 -10.03 5.83
N ASP A 369 -2.53 -10.39 6.24
CA ASP A 369 -2.32 -11.75 6.75
C ASP A 369 -2.48 -11.85 8.26
N ARG A 370 -1.91 -10.89 8.99
CA ARG A 370 -1.85 -10.96 10.45
C ARG A 370 -3.03 -10.30 11.19
N LYS A 371 -3.74 -11.09 11.99
CA LYS A 371 -4.94 -10.62 12.67
C LYS A 371 -4.80 -10.73 14.17
N LEU A 372 -5.15 -9.66 14.86
CA LEU A 372 -5.43 -9.74 16.27
C LEU A 372 -6.94 -9.71 16.41
N ARG A 373 -7.54 -10.82 16.87
CA ARG A 373 -8.98 -10.88 17.08
C ARG A 373 -9.31 -10.59 18.54
N ILE A 374 -10.32 -9.76 18.75
CA ILE A 374 -10.80 -9.46 20.10
C ILE A 374 -12.29 -9.70 20.14
N THR A 375 -12.73 -10.47 21.11
CA THR A 375 -14.16 -10.50 21.40
C THR A 375 -14.37 -10.57 22.92
N GLY A 376 -15.45 -9.96 23.39
CA GLY A 376 -15.72 -9.91 24.82
C GLY A 376 -14.61 -9.33 25.68
N GLY A 377 -13.81 -8.42 25.13
CA GLY A 377 -12.88 -7.68 25.96
C GLY A 377 -11.59 -8.46 26.21
N VAL A 378 -11.41 -9.54 25.46
CA VAL A 378 -10.15 -10.28 25.50
C VAL A 378 -9.72 -10.68 24.09
N VAL A 379 -8.44 -11.03 23.93
CA VAL A 379 -7.97 -11.66 22.69
C VAL A 379 -8.55 -13.08 22.57
N VAL A 380 -9.01 -13.44 21.37
CA VAL A 380 -9.46 -14.82 21.12
C VAL A 380 -8.71 -15.45 19.95
N MET B 1 1.12 -36.02 -30.04
CA MET B 1 -0.06 -35.70 -29.23
C MET B 1 -0.58 -34.28 -29.51
N LYS B 2 -1.91 -34.16 -29.56
CA LYS B 2 -2.56 -32.88 -29.83
C LYS B 2 -3.13 -32.23 -28.56
N ILE B 3 -2.72 -30.98 -28.32
CA ILE B 3 -3.06 -30.24 -27.12
C ILE B 3 -3.70 -28.88 -27.37
N LEU B 4 -4.74 -28.58 -26.58
CA LEU B 4 -5.30 -27.25 -26.47
C LEU B 4 -4.81 -26.61 -25.15
N HIS B 5 -4.16 -25.46 -25.25
CA HIS B 5 -3.70 -24.77 -24.06
C HIS B 5 -4.35 -23.39 -24.00
N THR B 6 -5.17 -23.15 -22.97
CA THR B 6 -5.78 -21.84 -22.80
C THR B 6 -5.80 -21.40 -21.33
N SER B 7 -5.86 -20.10 -21.10
CA SER B 7 -5.58 -19.57 -19.77
C SER B 7 -6.18 -18.17 -19.60
N ASP B 8 -6.18 -17.70 -18.35
CA ASP B 8 -6.47 -16.31 -18.03
C ASP B 8 -7.84 -15.80 -18.52
N TRP B 9 -8.80 -16.70 -18.60
CA TRP B 9 -10.18 -16.41 -18.95
C TRP B 9 -10.78 -15.24 -18.17
N HIS B 10 -10.66 -15.29 -16.85
CA HIS B 10 -11.20 -14.23 -16.00
C HIS B 10 -12.74 -14.15 -16.03
N LEU B 11 -13.40 -15.29 -16.21
CA LEU B 11 -14.87 -15.36 -16.14
C LEU B 11 -15.42 -14.54 -14.96
N GLY B 12 -16.39 -13.69 -15.26
CA GLY B 12 -17.10 -12.94 -14.24
C GLY B 12 -16.70 -11.48 -14.17
N VAL B 13 -15.71 -11.10 -14.97
CA VAL B 13 -15.19 -9.74 -14.89
C VAL B 13 -16.14 -8.73 -15.56
N THR B 14 -16.31 -7.58 -14.93
CA THR B 14 -16.84 -6.41 -15.61
C THR B 14 -15.79 -5.31 -15.54
N SER B 15 -15.67 -4.55 -16.62
CA SER B 15 -14.57 -3.60 -16.74
C SER B 15 -15.05 -2.19 -16.41
N TRP B 16 -14.11 -1.34 -15.97
CA TRP B 16 -14.39 0.08 -15.75
C TRP B 16 -15.61 0.26 -14.83
N THR B 17 -15.51 -0.36 -13.66
CA THR B 17 -16.60 -0.45 -12.67
C THR B 17 -16.94 0.90 -12.02
N SER B 18 -15.95 1.47 -11.36
CA SER B 18 -15.89 2.87 -11.06
C SER B 18 -16.54 3.74 -12.16
N SER B 19 -15.94 3.67 -13.35
CA SER B 19 -16.26 4.58 -14.45
C SER B 19 -17.56 4.23 -15.21
N ARG B 20 -17.46 3.37 -16.22
CA ARG B 20 -18.65 2.94 -16.96
C ARG B 20 -18.65 1.42 -17.15
N PRO B 21 -19.33 0.73 -16.23
CA PRO B 21 -19.38 -0.74 -16.12
C PRO B 21 -19.59 -1.40 -17.47
N VAL B 22 -18.68 -2.28 -17.87
CA VAL B 22 -18.96 -3.15 -18.99
C VAL B 22 -18.78 -4.61 -18.61
N ASP B 23 -19.90 -5.32 -18.57
CA ASP B 23 -19.89 -6.74 -18.27
C ASP B 23 -19.34 -7.45 -19.49
N ARG B 24 -18.25 -8.21 -19.33
CA ARG B 24 -17.55 -8.74 -20.49
C ARG B 24 -18.08 -10.12 -20.90
N ARG B 25 -18.93 -10.70 -20.05
CA ARG B 25 -19.46 -12.04 -20.28
C ARG B 25 -19.77 -12.38 -21.75
N GLU B 26 -20.64 -11.60 -22.38
CA GLU B 26 -21.10 -11.92 -23.74
C GLU B 26 -19.93 -12.08 -24.70
N GLU B 27 -19.03 -11.10 -24.67
CA GLU B 27 -17.83 -11.13 -25.48
C GLU B 27 -17.05 -12.42 -25.15
N LEU B 28 -16.80 -12.60 -23.85
CA LEU B 28 -15.95 -13.68 -23.36
C LEU B 28 -16.51 -15.07 -23.70
N LYS B 29 -17.83 -15.23 -23.59
CA LYS B 29 -18.43 -16.53 -23.91
C LYS B 29 -18.33 -16.83 -25.39
N LYS B 30 -18.32 -15.79 -26.21
CA LYS B 30 -18.13 -15.95 -27.65
C LYS B 30 -16.72 -16.45 -27.93
N ALA B 31 -15.72 -15.78 -27.34
CA ALA B 31 -14.34 -16.24 -27.44
C ALA B 31 -14.20 -17.71 -26.98
N LEU B 32 -14.58 -17.98 -25.74
CA LEU B 32 -14.53 -19.35 -25.23
C LEU B 32 -15.18 -20.34 -26.19
N ASP B 33 -16.37 -20.00 -26.68
CA ASP B 33 -17.12 -20.91 -27.56
C ASP B 33 -16.32 -21.25 -28.81
N LYS B 34 -15.67 -20.23 -29.37
CA LYS B 34 -14.88 -20.41 -30.58
C LYS B 34 -13.62 -21.26 -30.32
N VAL B 35 -13.02 -21.09 -29.14
CA VAL B 35 -11.88 -21.90 -28.75
C VAL B 35 -12.28 -23.37 -28.55
N VAL B 36 -13.38 -23.59 -27.83
CA VAL B 36 -13.90 -24.94 -27.62
C VAL B 36 -14.23 -25.63 -28.95
N GLU B 37 -15.01 -24.97 -29.80
CA GLU B 37 -15.33 -25.54 -31.11
C GLU B 37 -14.07 -25.96 -31.87
N GLU B 38 -13.04 -25.10 -31.84
CA GLU B 38 -11.77 -25.41 -32.50
C GLU B 38 -11.09 -26.64 -31.90
N ALA B 39 -11.22 -26.80 -30.59
CA ALA B 39 -10.68 -27.98 -29.93
C ALA B 39 -11.36 -29.25 -30.44
N GLU B 40 -12.69 -29.20 -30.56
CA GLU B 40 -13.45 -30.32 -31.14
C GLU B 40 -12.98 -30.60 -32.58
N LYS B 41 -12.92 -29.55 -33.39
CA LYS B 41 -12.45 -29.69 -34.78
C LYS B 41 -11.14 -30.49 -34.85
N ARG B 42 -10.09 -29.94 -34.25
CA ARG B 42 -8.79 -30.60 -34.21
C ARG B 42 -8.82 -31.94 -33.47
N GLU B 43 -9.93 -32.23 -32.80
CA GLU B 43 -10.01 -33.43 -31.96
C GLU B 43 -8.72 -33.64 -31.15
N VAL B 44 -8.35 -32.63 -30.35
CA VAL B 44 -7.15 -32.71 -29.52
C VAL B 44 -7.19 -33.89 -28.55
N ASP B 45 -6.01 -34.26 -28.05
CA ASP B 45 -5.88 -35.41 -27.14
C ASP B 45 -5.93 -34.94 -25.70
N LEU B 46 -5.55 -33.69 -25.49
CA LEU B 46 -5.34 -33.16 -24.15
C LEU B 46 -5.73 -31.68 -24.06
N ILE B 47 -6.34 -31.30 -22.93
CA ILE B 47 -6.63 -29.90 -22.68
C ILE B 47 -5.94 -29.40 -21.40
N LEU B 48 -5.16 -28.33 -21.55
CA LEU B 48 -4.43 -27.73 -20.44
C LEU B 48 -4.91 -26.30 -20.15
N LEU B 49 -5.47 -26.10 -18.95
CA LEU B 49 -5.90 -24.76 -18.52
C LEU B 49 -5.01 -24.28 -17.37
N THR B 50 -4.27 -23.20 -17.60
CA THR B 50 -3.24 -22.78 -16.66
C THR B 50 -3.57 -21.59 -15.73
N GLY B 51 -4.84 -21.43 -15.35
CA GLY B 51 -5.19 -20.58 -14.21
C GLY B 51 -5.84 -19.23 -14.51
N ASP B 52 -6.37 -18.58 -13.47
CA ASP B 52 -7.21 -17.38 -13.59
C ASP B 52 -8.36 -17.59 -14.58
N LEU B 53 -9.02 -18.74 -14.45
CA LEU B 53 -10.22 -19.02 -15.23
C LEU B 53 -11.38 -18.20 -14.66
N LEU B 54 -11.34 -17.98 -13.34
CA LEU B 54 -12.26 -17.07 -12.65
C LEU B 54 -11.58 -15.74 -12.42
N HIS B 55 -12.38 -14.70 -12.24
CA HIS B 55 -11.83 -13.37 -12.03
C HIS B 55 -11.58 -13.04 -10.57
N SER B 56 -12.48 -13.52 -9.71
CA SER B 56 -12.45 -13.12 -8.30
C SER B 56 -11.92 -14.22 -7.40
N ARG B 57 -10.89 -13.88 -6.64
CA ARG B 57 -10.29 -14.76 -5.66
C ARG B 57 -11.27 -15.05 -4.50
N ASN B 58 -12.03 -14.03 -4.12
CA ASN B 58 -12.86 -14.10 -2.92
C ASN B 58 -14.37 -14.23 -3.10
N ASN B 59 -14.96 -13.36 -3.93
CA ASN B 59 -16.40 -13.42 -4.09
C ASN B 59 -16.78 -13.72 -5.53
N PRO B 60 -16.87 -15.02 -5.86
CA PRO B 60 -17.11 -15.43 -7.26
C PRO B 60 -18.60 -15.43 -7.63
N SER B 61 -18.96 -14.77 -8.72
CA SER B 61 -20.34 -14.80 -9.18
C SER B 61 -20.86 -16.23 -9.25
N VAL B 62 -22.16 -16.40 -9.05
CA VAL B 62 -22.77 -17.69 -9.33
C VAL B 62 -22.89 -17.90 -10.84
N VAL B 63 -22.99 -16.81 -11.60
CA VAL B 63 -23.00 -16.95 -13.06
C VAL B 63 -21.62 -17.38 -13.55
N ALA B 64 -20.56 -16.77 -13.02
CA ALA B 64 -19.20 -17.16 -13.39
C ALA B 64 -18.97 -18.65 -13.15
N LEU B 65 -19.07 -19.08 -11.89
CA LEU B 65 -19.01 -20.51 -11.55
C LEU B 65 -19.85 -21.38 -12.48
N HIS B 66 -21.07 -20.95 -12.77
CA HIS B 66 -21.94 -21.74 -13.62
C HIS B 66 -21.26 -21.90 -14.98
N ASP B 67 -20.82 -20.77 -15.53
CA ASP B 67 -20.16 -20.74 -16.83
C ASP B 67 -18.90 -21.61 -16.84
N LEU B 68 -18.04 -21.41 -15.86
CA LEU B 68 -16.83 -22.19 -15.75
C LEU B 68 -17.12 -23.69 -15.77
N LEU B 69 -18.00 -24.14 -14.89
CA LEU B 69 -18.29 -25.57 -14.80
C LEU B 69 -18.85 -26.13 -16.10
N ASP B 70 -19.72 -25.35 -16.75
CA ASP B 70 -20.27 -25.74 -18.04
C ASP B 70 -19.17 -25.89 -19.10
N TYR B 71 -18.26 -24.91 -19.15
CA TYR B 71 -17.13 -25.02 -20.07
C TYR B 71 -16.26 -26.24 -19.77
N LEU B 72 -15.97 -26.48 -18.49
CA LEU B 72 -15.20 -27.66 -18.10
C LEU B 72 -15.91 -28.93 -18.59
N LYS B 73 -17.23 -28.96 -18.42
CA LYS B 73 -18.01 -30.12 -18.85
C LYS B 73 -17.92 -30.27 -20.36
N ARG B 74 -18.07 -29.18 -21.10
CA ARG B 74 -17.99 -29.27 -22.57
C ARG B 74 -16.62 -29.76 -23.00
N MET B 75 -15.58 -29.25 -22.35
CA MET B 75 -14.21 -29.59 -22.72
C MET B 75 -13.90 -31.06 -22.44
N MET B 76 -14.34 -31.53 -21.27
CA MET B 76 -14.17 -32.92 -20.89
C MET B 76 -14.73 -33.85 -21.95
N ARG B 77 -15.86 -33.48 -22.56
CA ARG B 77 -16.49 -34.37 -23.54
C ARG B 77 -15.55 -34.66 -24.71
N THR B 78 -14.70 -33.71 -25.05
CA THR B 78 -13.82 -33.91 -26.20
C THR B 78 -12.45 -34.50 -25.84
N ALA B 79 -11.94 -34.19 -24.65
CA ALA B 79 -10.60 -34.65 -24.25
C ALA B 79 -10.35 -34.41 -22.77
N PRO B 80 -9.51 -35.25 -22.15
CA PRO B 80 -9.18 -35.06 -20.73
C PRO B 80 -8.61 -33.65 -20.49
N VAL B 81 -9.08 -32.96 -19.46
CA VAL B 81 -8.52 -31.67 -19.13
C VAL B 81 -7.69 -31.68 -17.84
N VAL B 82 -6.63 -30.87 -17.84
CA VAL B 82 -5.74 -30.73 -16.69
C VAL B 82 -5.74 -29.26 -16.29
N VAL B 83 -6.10 -28.98 -15.04
CA VAL B 83 -6.24 -27.58 -14.64
C VAL B 83 -5.28 -27.19 -13.52
N LEU B 84 -4.57 -26.09 -13.74
CA LEU B 84 -3.66 -25.49 -12.74
C LEU B 84 -4.23 -24.15 -12.30
N PRO B 85 -4.84 -24.08 -11.12
CA PRO B 85 -5.44 -22.82 -10.64
C PRO B 85 -4.42 -21.69 -10.47
N GLY B 86 -4.84 -20.45 -10.72
CA GLY B 86 -3.99 -19.29 -10.57
C GLY B 86 -4.28 -18.53 -9.28
N ASN B 87 -3.52 -17.45 -9.06
CA ASN B 87 -3.70 -16.61 -7.87
C ASN B 87 -5.07 -15.94 -7.78
N GLN B 88 -5.67 -15.61 -8.92
CA GLN B 88 -6.98 -14.98 -8.91
C GLN B 88 -8.16 -15.97 -8.90
N ASP B 89 -7.90 -17.26 -9.06
CA ASP B 89 -9.00 -18.22 -9.01
C ASP B 89 -9.54 -18.31 -7.59
N TRP B 90 -10.87 -18.37 -7.48
CA TRP B 90 -11.53 -18.53 -6.19
C TRP B 90 -10.89 -19.59 -5.32
N LYS B 91 -10.70 -19.26 -4.04
CA LYS B 91 -10.03 -20.18 -3.11
C LYS B 91 -10.66 -21.57 -3.05
N GLY B 92 -11.98 -21.66 -3.19
CA GLY B 92 -12.66 -22.93 -3.08
C GLY B 92 -12.56 -23.85 -4.28
N LEU B 93 -12.14 -23.31 -5.42
CA LEU B 93 -12.13 -24.09 -6.65
C LEU B 93 -11.25 -25.33 -6.53
N LYS B 94 -10.09 -25.14 -5.90
CA LYS B 94 -9.17 -26.23 -5.65
C LYS B 94 -9.87 -27.35 -4.89
N LEU B 95 -10.64 -26.99 -3.88
CA LEU B 95 -11.38 -27.98 -3.10
C LEU B 95 -12.27 -28.80 -4.01
N PHE B 96 -13.13 -28.12 -4.75
CA PHE B 96 -13.94 -28.82 -5.74
C PHE B 96 -13.07 -29.56 -6.76
N GLY B 97 -11.98 -28.92 -7.20
CA GLY B 97 -11.04 -29.57 -8.09
C GLY B 97 -10.56 -30.88 -7.52
N ASN B 98 -10.04 -30.85 -6.30
CA ASN B 98 -9.59 -32.06 -5.63
C ASN B 98 -10.69 -33.11 -5.58
N PHE B 99 -11.86 -32.70 -5.12
CA PHE B 99 -12.98 -33.60 -4.99
C PHE B 99 -13.25 -34.31 -6.31
N VAL B 100 -13.33 -33.53 -7.38
CA VAL B 100 -13.78 -34.06 -8.66
C VAL B 100 -12.70 -34.88 -9.40
N THR B 101 -11.42 -34.68 -9.13
CA THR B 101 -10.42 -35.49 -9.82
C THR B 101 -10.39 -36.93 -9.32
N SER B 102 -10.86 -37.16 -8.10
CA SER B 102 -10.95 -38.51 -7.53
C SER B 102 -12.23 -39.18 -8.00
N ILE B 103 -12.80 -38.72 -9.11
CA ILE B 103 -14.16 -39.13 -9.42
C ILE B 103 -14.37 -39.30 -10.93
N SER B 104 -13.62 -38.53 -11.70
CA SER B 104 -13.53 -38.75 -13.13
C SER B 104 -12.06 -38.85 -13.47
N SER B 105 -11.75 -39.55 -14.55
CA SER B 105 -10.39 -39.53 -15.05
C SER B 105 -10.34 -38.59 -16.23
N ASP B 106 -11.40 -37.80 -16.42
CA ASP B 106 -11.47 -36.87 -17.55
C ASP B 106 -11.12 -35.45 -17.14
N ILE B 107 -10.95 -35.27 -15.83
CA ILE B 107 -10.47 -33.99 -15.32
C ILE B 107 -9.58 -34.22 -14.11
N THR B 108 -8.49 -33.45 -14.04
CA THR B 108 -7.60 -33.52 -12.90
C THR B 108 -7.06 -32.12 -12.58
N PHE B 109 -7.17 -31.73 -11.30
CA PHE B 109 -6.62 -30.47 -10.83
C PHE B 109 -5.29 -30.72 -10.14
N VAL B 110 -4.31 -29.85 -10.38
CA VAL B 110 -3.06 -29.88 -9.62
C VAL B 110 -2.91 -28.60 -8.80
N MET B 111 -2.85 -28.72 -7.48
CA MET B 111 -2.69 -27.51 -6.62
C MET B 111 -1.42 -27.47 -5.75
N SER B 112 -0.48 -28.37 -5.97
CA SER B 112 0.79 -28.27 -5.26
C SER B 112 1.96 -28.36 -6.26
N PHE B 113 3.15 -28.64 -5.75
CA PHE B 113 4.28 -28.96 -6.62
C PHE B 113 4.30 -30.44 -6.95
N GLU B 114 3.29 -31.15 -6.47
CA GLU B 114 3.26 -32.59 -6.63
C GLU B 114 2.80 -33.01 -8.02
N PRO B 115 3.69 -33.70 -8.74
CA PRO B 115 3.51 -34.24 -10.09
C PRO B 115 2.40 -35.25 -10.09
N VAL B 116 1.68 -35.37 -11.20
CA VAL B 116 0.63 -36.36 -11.31
C VAL B 116 0.68 -36.93 -12.71
N ASP B 117 0.37 -38.20 -12.84
CA ASP B 117 0.42 -38.82 -14.16
C ASP B 117 -0.97 -38.98 -14.70
N VAL B 118 -1.16 -38.55 -15.95
CA VAL B 118 -2.48 -38.63 -16.55
C VAL B 118 -2.36 -39.27 -17.91
N GLU B 119 -3.51 -39.69 -18.43
CA GLU B 119 -3.56 -40.33 -19.73
C GLU B 119 -4.46 -39.55 -20.68
N ALA B 120 -3.90 -39.17 -21.83
CA ALA B 120 -4.66 -38.42 -22.85
C ALA B 120 -5.70 -39.30 -23.53
N LYS B 121 -6.38 -38.75 -24.54
CA LYS B 121 -7.49 -39.44 -25.19
C LYS B 121 -7.11 -40.76 -25.86
N ARG B 122 -5.97 -40.78 -26.55
CA ARG B 122 -5.52 -41.97 -27.27
C ARG B 122 -4.48 -42.72 -26.45
N GLY B 123 -4.62 -42.62 -25.13
CA GLY B 123 -3.76 -43.31 -24.21
C GLY B 123 -2.34 -42.78 -24.05
N GLN B 124 -2.00 -41.64 -24.65
CA GLN B 124 -0.65 -41.08 -24.41
C GLN B 124 -0.41 -40.87 -22.91
N LYS B 125 0.78 -41.28 -22.46
CA LYS B 125 1.19 -41.11 -21.06
C LYS B 125 1.71 -39.69 -20.81
N VAL B 126 1.05 -38.93 -19.92
CA VAL B 126 1.53 -37.58 -19.62
C VAL B 126 1.83 -37.33 -18.14
N ARG B 127 3.06 -36.90 -17.89
CA ARG B 127 3.47 -36.44 -16.57
C ARG B 127 3.37 -34.91 -16.50
N ILE B 128 2.51 -34.46 -15.60
CA ILE B 128 2.34 -33.04 -15.33
C ILE B 128 3.20 -32.61 -14.15
N LEU B 129 4.12 -31.68 -14.41
CA LEU B 129 4.93 -31.09 -13.37
C LEU B 129 4.42 -29.68 -13.10
N PRO B 130 3.71 -29.50 -11.98
CA PRO B 130 3.04 -28.23 -11.64
C PRO B 130 3.90 -27.25 -10.85
N PHE B 131 3.82 -25.97 -11.20
CA PHE B 131 4.44 -24.92 -10.41
C PHE B 131 3.40 -23.82 -10.16
N PRO B 132 2.65 -23.94 -9.05
CA PRO B 132 1.60 -22.95 -8.77
C PRO B 132 2.19 -21.56 -8.48
N TYR B 133 1.34 -20.56 -8.56
CA TYR B 133 1.75 -19.20 -8.27
C TYR B 133 2.44 -19.13 -6.90
N PRO B 134 3.57 -18.39 -6.83
CA PRO B 134 4.36 -18.28 -5.57
C PRO B 134 3.95 -17.18 -4.58
N ASP B 135 3.26 -17.57 -3.50
CA ASP B 135 2.83 -16.68 -2.39
C ASP B 135 3.87 -15.67 -1.91
N GLU B 136 3.46 -14.40 -1.88
CA GLU B 136 4.41 -13.30 -1.77
C GLU B 136 5.46 -13.22 -0.62
N SER B 137 5.15 -13.43 0.66
CA SER B 137 4.12 -14.30 1.21
C SER B 137 2.69 -13.82 1.15
N LYS B 142 16.79 -12.49 1.11
CA LYS B 142 17.11 -13.03 2.44
C LYS B 142 15.98 -13.93 2.95
N ASN B 143 14.83 -13.34 3.26
CA ASN B 143 13.58 -14.12 3.35
C ASN B 143 13.10 -14.42 1.93
N GLU B 144 13.07 -13.40 1.08
CA GLU B 144 13.01 -13.60 -0.37
C GLU B 144 13.98 -14.71 -0.73
N GLY B 145 15.24 -14.52 -0.30
CA GLY B 145 16.29 -15.51 -0.48
C GLY B 145 15.82 -16.92 -0.18
N ASP B 146 15.47 -17.18 1.08
CA ASP B 146 15.04 -18.51 1.44
C ASP B 146 13.86 -19.00 0.62
N PHE B 147 13.03 -18.08 0.14
CA PHE B 147 11.86 -18.49 -0.61
C PHE B 147 12.28 -18.88 -2.03
N ARG B 148 13.14 -18.08 -2.63
CA ARG B 148 13.72 -18.43 -3.93
C ARG B 148 14.49 -19.75 -3.82
N PHE B 149 15.22 -19.91 -2.71
CA PHE B 149 15.90 -21.14 -2.35
C PHE B 149 14.92 -22.31 -2.38
N PHE B 150 13.90 -22.21 -1.56
CA PHE B 150 12.86 -23.22 -1.57
C PHE B 150 12.29 -23.47 -2.98
N LEU B 151 12.12 -22.40 -3.76
CA LEU B 151 11.50 -22.57 -5.07
C LEU B 151 12.45 -23.26 -6.06
N GLU B 152 13.75 -23.00 -5.94
CA GLU B 152 14.71 -23.75 -6.73
C GLU B 152 14.65 -25.25 -6.39
N SER B 153 14.67 -25.58 -5.11
CA SER B 153 14.57 -26.98 -4.74
C SER B 153 13.37 -27.64 -5.45
N ARG B 154 12.22 -26.98 -5.45
CA ARG B 154 11.03 -27.53 -6.09
C ARG B 154 11.23 -27.70 -7.60
N LEU B 155 11.94 -26.77 -8.23
CA LEU B 155 12.21 -26.88 -9.65
C LEU B 155 13.22 -28.00 -9.92
N ASN B 156 14.22 -28.12 -9.03
CA ASN B 156 15.12 -29.28 -9.09
C ASN B 156 14.32 -30.59 -9.09
N LYS B 157 13.38 -30.73 -8.16
CA LYS B 157 12.60 -31.96 -8.02
C LYS B 157 11.76 -32.27 -9.26
N LEU B 158 11.18 -31.23 -9.86
CA LEU B 158 10.40 -31.42 -11.07
C LEU B 158 11.28 -31.99 -12.17
N TYR B 159 12.53 -31.53 -12.22
CA TYR B 159 13.50 -32.03 -13.18
C TYR B 159 13.70 -33.53 -12.96
N GLU B 160 14.05 -33.90 -11.73
CA GLU B 160 14.18 -35.31 -11.37
C GLU B 160 12.98 -36.06 -11.94
N GLU B 161 11.79 -35.60 -11.56
CA GLU B 161 10.56 -36.29 -11.93
C GLU B 161 10.28 -36.28 -13.46
N ALA B 162 10.79 -35.27 -14.17
CA ALA B 162 10.66 -35.24 -15.62
C ALA B 162 11.45 -36.38 -16.27
N LEU B 163 12.57 -36.73 -15.64
CA LEU B 163 13.43 -37.80 -16.16
C LEU B 163 12.74 -39.17 -16.11
N LYS B 164 11.86 -39.37 -15.14
CA LYS B 164 11.17 -40.66 -15.01
C LYS B 164 9.94 -40.80 -15.90
N LYS B 165 9.77 -39.86 -16.83
CA LYS B 165 8.57 -39.83 -17.65
C LYS B 165 8.44 -41.10 -18.50
N GLU B 166 7.21 -41.38 -18.94
CA GLU B 166 6.93 -42.47 -19.88
C GLU B 166 6.91 -41.99 -21.35
N ASP B 167 5.89 -41.22 -21.73
CA ASP B 167 5.79 -40.69 -23.10
C ASP B 167 6.10 -39.20 -23.17
N PHE B 168 5.38 -38.43 -22.36
CA PHE B 168 5.51 -36.97 -22.36
C PHE B 168 5.60 -36.41 -20.96
N ALA B 169 6.40 -35.36 -20.80
CA ALA B 169 6.40 -34.57 -19.58
C ALA B 169 6.03 -33.14 -19.94
N ILE B 170 5.10 -32.58 -19.17
CA ILE B 170 4.65 -31.21 -19.38
C ILE B 170 4.70 -30.41 -18.08
N PHE B 171 5.39 -29.27 -18.15
CA PHE B 171 5.44 -28.32 -17.07
C PHE B 171 4.20 -27.40 -17.18
N MET B 172 3.48 -27.21 -16.07
CA MET B 172 2.39 -26.23 -15.99
C MET B 172 2.71 -25.22 -14.90
N GLY B 173 2.92 -23.98 -15.29
CA GLY B 173 3.28 -22.96 -14.33
C GLY B 173 2.33 -21.78 -14.35
N HIS B 174 2.24 -21.09 -13.23
CA HIS B 174 1.44 -19.85 -13.17
C HIS B 174 2.22 -18.81 -12.39
N PHE B 175 2.86 -17.90 -13.13
CA PHE B 175 3.78 -16.89 -12.57
C PHE B 175 4.32 -15.99 -13.69
N THR B 176 5.07 -14.99 -13.28
CA THR B 176 5.63 -14.00 -14.20
C THR B 176 7.11 -14.34 -14.44
N VAL B 177 7.53 -14.46 -15.70
CA VAL B 177 8.97 -14.60 -15.99
C VAL B 177 9.68 -13.25 -16.10
N GLU B 178 11.02 -13.27 -15.98
CA GLU B 178 11.85 -12.07 -16.14
C GLU B 178 11.73 -11.51 -17.54
N GLY B 179 11.76 -10.17 -17.64
CA GLY B 179 11.57 -9.48 -18.90
C GLY B 179 10.14 -9.17 -19.32
N LEU B 180 9.51 -8.21 -18.65
CA LEU B 180 8.32 -7.55 -19.22
C LEU B 180 8.10 -6.13 -18.65
N ALA B 181 7.14 -5.42 -19.24
CA ALA B 181 7.12 -3.96 -19.23
C ALA B 181 8.47 -3.50 -19.78
N GLY B 189 4.38 -6.20 -9.50
CA GLY B 189 5.14 -5.41 -8.56
C GLY B 189 5.81 -6.25 -7.48
N ARG B 190 5.06 -6.55 -6.42
CA ARG B 190 5.59 -7.37 -5.33
C ARG B 190 5.45 -8.87 -5.61
N GLU B 191 5.64 -9.26 -6.86
CA GLU B 191 5.60 -10.68 -7.21
C GLU B 191 6.99 -11.28 -7.08
N ILE B 192 7.06 -12.58 -6.85
CA ILE B 192 8.30 -13.32 -7.07
C ILE B 192 8.45 -13.58 -8.57
N ILE B 193 9.38 -12.89 -9.22
CA ILE B 193 9.64 -13.11 -10.64
C ILE B 193 10.56 -14.31 -10.79
N ILE B 194 10.30 -15.13 -11.79
CA ILE B 194 11.09 -16.33 -11.98
C ILE B 194 11.79 -16.35 -13.33
N ASN B 195 13.11 -16.49 -13.30
CA ASN B 195 13.88 -16.58 -14.53
C ASN B 195 13.47 -17.79 -15.39
N ARG B 196 13.31 -17.56 -16.69
CA ARG B 196 12.91 -18.61 -17.62
C ARG B 196 13.90 -19.79 -17.68
N ALA B 197 15.16 -19.47 -17.46
CA ALA B 197 16.21 -20.47 -17.48
C ALA B 197 15.94 -21.59 -16.46
N LEU B 198 15.27 -21.23 -15.35
CA LEU B 198 14.93 -22.20 -14.31
C LEU B 198 13.88 -23.26 -14.74
N ILE B 199 13.19 -23.02 -15.85
CA ILE B 199 12.20 -24.00 -16.31
C ILE B 199 12.93 -25.19 -16.96
N PRO B 200 12.83 -26.38 -16.33
CA PRO B 200 13.66 -27.55 -16.72
C PRO B 200 13.51 -27.87 -18.20
N SER B 201 14.63 -27.94 -18.93
CA SER B 201 14.56 -28.05 -20.38
C SER B 201 14.07 -29.40 -20.85
N VAL B 202 14.20 -30.41 -19.99
CA VAL B 202 13.86 -31.78 -20.37
C VAL B 202 12.36 -31.99 -20.57
N VAL B 203 11.53 -30.98 -20.25
CA VAL B 203 10.10 -31.13 -20.51
C VAL B 203 9.79 -30.92 -21.99
N ASP B 204 8.74 -31.55 -22.46
CA ASP B 204 8.37 -31.45 -23.87
C ASP B 204 7.62 -30.14 -24.17
N TYR B 205 7.01 -29.59 -23.13
CA TYR B 205 6.23 -28.37 -23.24
C TYR B 205 6.14 -27.71 -21.86
N ALA B 206 6.21 -26.39 -21.84
CA ALA B 206 6.01 -25.62 -20.61
C ALA B 206 4.83 -24.65 -20.81
N ALA B 207 3.67 -25.03 -20.31
CA ALA B 207 2.48 -24.20 -20.43
C ALA B 207 2.38 -23.22 -19.24
N LEU B 208 2.36 -21.93 -19.56
CA LEU B 208 2.24 -20.89 -18.52
C LEU B 208 0.87 -20.20 -18.61
N GLY B 209 0.48 -19.58 -17.50
CA GLY B 209 -0.64 -18.65 -17.42
C GLY B 209 -0.27 -17.51 -16.47
N HIS B 210 -1.12 -16.47 -16.41
CA HIS B 210 -1.00 -15.33 -15.47
C HIS B 210 -0.78 -14.00 -16.22
N ILE B 211 -0.25 -14.11 -17.43
CA ILE B 211 0.12 -12.97 -18.29
C ILE B 211 -0.89 -12.93 -19.44
N HIS B 212 -1.37 -11.73 -19.78
CA HIS B 212 -2.56 -11.63 -20.64
C HIS B 212 -2.23 -11.52 -22.11
N SER B 213 -0.98 -11.19 -22.43
CA SER B 213 -0.55 -11.14 -23.81
C SER B 213 0.06 -12.48 -24.19
N PHE B 214 -0.38 -13.03 -25.31
CA PHE B 214 0.28 -14.21 -25.84
C PHE B 214 1.78 -13.94 -25.95
N ARG B 215 2.58 -14.93 -25.57
CA ARG B 215 4.01 -14.71 -25.60
C ARG B 215 4.76 -16.03 -25.71
N GLU B 216 5.60 -16.15 -26.73
CA GLU B 216 6.52 -17.30 -26.83
C GLU B 216 7.74 -17.01 -25.96
N ILE B 217 7.88 -17.73 -24.85
CA ILE B 217 8.91 -17.37 -23.89
C ILE B 217 10.30 -17.82 -24.34
N GLN B 218 10.38 -19.05 -24.85
CA GLN B 218 11.64 -19.65 -25.31
C GLN B 218 11.31 -20.89 -26.12
N LYS B 219 12.21 -21.27 -27.03
CA LYS B 219 11.93 -22.41 -27.92
C LYS B 219 12.35 -23.75 -27.32
N GLN B 220 13.29 -23.72 -26.37
CA GLN B 220 13.77 -24.95 -25.74
C GLN B 220 14.01 -24.73 -24.25
N PRO B 221 13.11 -25.24 -23.40
CA PRO B 221 11.91 -25.95 -23.89
C PRO B 221 10.86 -24.95 -24.40
N LEU B 222 9.95 -25.43 -25.24
CA LEU B 222 8.88 -24.58 -25.75
C LEU B 222 8.04 -24.06 -24.57
N THR B 223 8.07 -22.76 -24.35
CA THR B 223 7.41 -22.16 -23.20
C THR B 223 6.43 -21.09 -23.68
N ILE B 224 5.14 -21.27 -23.40
CA ILE B 224 4.16 -20.31 -23.88
C ILE B 224 3.15 -19.80 -22.83
N TYR B 225 2.91 -18.48 -22.85
CA TYR B 225 1.69 -17.90 -22.31
C TYR B 225 0.70 -17.74 -23.47
N PRO B 226 -0.46 -18.40 -23.42
CA PRO B 226 -1.43 -18.17 -24.52
C PRO B 226 -2.12 -16.79 -24.45
N GLY B 227 -2.08 -16.13 -23.30
CA GLY B 227 -2.71 -14.84 -23.12
C GLY B 227 -4.19 -14.94 -22.78
N SER B 228 -4.81 -13.81 -22.46
CA SER B 228 -6.26 -13.81 -22.23
C SER B 228 -7.08 -13.99 -23.52
N LEU B 229 -8.40 -14.08 -23.39
CA LEU B 229 -9.26 -14.24 -24.55
C LEU B 229 -9.98 -12.93 -24.88
N ILE B 230 -9.89 -11.97 -23.97
CA ILE B 230 -10.42 -10.63 -24.19
C ILE B 230 -9.39 -9.60 -23.72
N ARG B 231 -9.58 -8.37 -24.20
CA ARG B 231 -8.73 -7.25 -23.80
C ARG B 231 -9.29 -6.65 -22.53
N ILE B 232 -8.56 -6.85 -21.44
CA ILE B 232 -9.11 -6.63 -20.12
C ILE B 232 -9.06 -5.14 -19.77
N ASP B 233 -7.99 -4.48 -20.14
CA ASP B 233 -7.88 -3.04 -20.01
C ASP B 233 -6.88 -2.48 -20.99
N PHE B 234 -6.80 -1.15 -21.03
CA PHE B 234 -6.17 -0.47 -22.16
C PHE B 234 -4.69 -0.73 -22.43
N GLY B 235 -3.97 -1.20 -21.42
CA GLY B 235 -2.61 -1.68 -21.65
C GLY B 235 -2.58 -2.76 -22.74
N GLU B 236 -3.67 -3.51 -22.86
CA GLU B 236 -3.77 -4.60 -23.81
C GLU B 236 -4.45 -4.17 -25.11
N GLU B 237 -4.09 -3.00 -25.62
CA GLU B 237 -4.62 -2.55 -26.91
C GLU B 237 -3.97 -3.25 -28.11
N ALA B 238 -2.65 -3.45 -28.07
CA ALA B 238 -1.95 -4.00 -29.23
C ALA B 238 -1.81 -5.53 -29.25
N ASP B 239 -1.56 -6.13 -28.08
CA ASP B 239 -1.23 -7.56 -27.99
C ASP B 239 -2.27 -8.52 -28.58
N GLU B 240 -1.92 -9.80 -28.62
CA GLU B 240 -2.76 -10.84 -29.24
C GLU B 240 -3.54 -11.68 -28.23
N LYS B 241 -4.80 -11.95 -28.56
CA LYS B 241 -5.67 -12.73 -27.68
C LYS B 241 -6.15 -14.03 -28.32
N GLY B 242 -5.92 -15.13 -27.63
CA GLY B 242 -6.45 -16.41 -28.04
C GLY B 242 -5.90 -17.53 -27.19
N ALA B 243 -6.10 -18.75 -27.67
CA ALA B 243 -5.52 -19.94 -27.07
C ALA B 243 -4.39 -20.43 -28.00
N VAL B 244 -3.88 -21.63 -27.72
CA VAL B 244 -2.78 -22.17 -28.48
C VAL B 244 -3.03 -23.64 -28.73
N PHE B 245 -2.81 -24.07 -29.97
CA PHE B 245 -2.81 -25.49 -30.27
C PHE B 245 -1.35 -25.97 -30.36
N VAL B 246 -1.08 -27.11 -29.73
CA VAL B 246 0.29 -27.62 -29.68
C VAL B 246 0.28 -29.08 -30.04
N GLU B 247 1.20 -29.47 -30.94
CA GLU B 247 1.38 -30.89 -31.23
C GLU B 247 2.76 -31.36 -30.75
N LEU B 248 2.78 -32.54 -30.16
CA LEU B 248 4.00 -33.07 -29.57
C LEU B 248 4.25 -34.48 -30.10
N LYS B 249 5.48 -34.74 -30.51
CA LYS B 249 5.82 -36.06 -31.06
C LYS B 249 7.17 -36.47 -30.53
N ARG B 250 7.25 -37.72 -30.02
CA ARG B 250 8.43 -38.20 -29.29
C ARG B 250 9.75 -37.85 -29.96
N GLY B 251 9.89 -38.23 -31.23
CA GLY B 251 11.14 -37.97 -31.90
C GLY B 251 11.43 -36.51 -32.17
N GLU B 252 10.38 -35.76 -32.45
CA GLU B 252 10.50 -34.45 -33.08
C GLU B 252 10.44 -33.29 -32.11
N PRO B 253 10.86 -32.11 -32.57
CA PRO B 253 10.68 -30.86 -31.83
C PRO B 253 9.19 -30.50 -31.84
N PRO B 254 8.75 -29.69 -30.86
CA PRO B 254 7.32 -29.34 -30.73
C PRO B 254 6.87 -28.31 -31.78
N ARG B 255 5.62 -28.44 -32.22
CA ARG B 255 5.03 -27.43 -33.11
C ARG B 255 3.77 -26.79 -32.47
N TYR B 256 3.57 -25.51 -32.75
CA TYR B 256 2.40 -24.81 -32.23
C TYR B 256 1.83 -23.76 -33.16
N GLU B 257 0.66 -23.26 -32.78
CA GLU B 257 -0.20 -22.48 -33.67
C GLU B 257 -1.19 -21.73 -32.77
N ARG B 258 -1.18 -20.40 -32.86
CA ARG B 258 -2.14 -19.59 -32.10
C ARG B 258 -3.54 -19.81 -32.65
N ILE B 259 -4.53 -19.79 -31.77
CA ILE B 259 -5.93 -19.83 -32.17
C ILE B 259 -6.54 -18.50 -31.80
N ASP B 260 -6.73 -17.61 -32.77
CA ASP B 260 -7.15 -16.24 -32.44
C ASP B 260 -8.55 -16.15 -31.88
N ALA B 261 -8.70 -15.36 -30.82
CA ALA B 261 -9.99 -15.20 -30.17
C ALA B 261 -10.89 -14.15 -30.85
N SER B 262 -10.26 -13.22 -31.59
CA SER B 262 -10.97 -12.14 -32.28
C SER B 262 -11.85 -11.31 -31.33
N PRO B 263 -11.24 -10.72 -30.29
CA PRO B 263 -11.99 -9.98 -29.27
C PRO B 263 -12.24 -8.50 -29.65
N LEU B 264 -13.29 -7.91 -29.08
CA LEU B 264 -13.57 -6.48 -29.28
C LEU B 264 -12.32 -5.63 -29.12
N PRO B 265 -12.14 -4.65 -30.01
CA PRO B 265 -10.93 -3.82 -29.93
C PRO B 265 -11.01 -2.76 -28.83
N LEU B 266 -9.83 -2.34 -28.38
CA LEU B 266 -9.70 -1.21 -27.46
C LEU B 266 -8.86 -0.12 -28.13
N LYS B 267 -9.02 1.10 -27.66
CA LYS B 267 -8.40 2.24 -28.31
C LYS B 267 -8.31 3.42 -27.36
N THR B 268 -7.15 4.05 -27.29
CA THR B 268 -6.97 5.25 -26.46
C THR B 268 -6.72 6.49 -27.32
N LEU B 269 -7.51 7.54 -27.10
CA LEU B 269 -7.33 8.81 -27.79
C LEU B 269 -6.54 9.77 -26.90
N TYR B 270 -5.50 10.36 -27.47
CA TYR B 270 -4.63 11.29 -26.76
C TYR B 270 -4.81 12.71 -27.26
N TYR B 271 -5.17 13.61 -26.34
CA TYR B 271 -5.27 15.04 -26.65
C TYR B 271 -4.64 15.84 -25.55
N LYS B 272 -4.05 16.98 -25.90
CA LYS B 272 -3.55 17.90 -24.89
C LYS B 272 -4.66 18.86 -24.48
N LYS B 273 -5.30 19.46 -25.48
CA LYS B 273 -6.37 20.41 -25.24
C LYS B 273 -7.70 19.86 -25.79
N ILE B 274 -8.74 19.89 -24.97
CA ILE B 274 -10.08 19.52 -25.47
C ILE B 274 -10.80 20.74 -26.02
N ASP B 275 -10.58 21.00 -27.31
CA ASP B 275 -11.25 22.09 -28.01
C ASP B 275 -12.30 21.50 -28.95
N THR B 276 -13.00 22.37 -29.67
CA THR B 276 -14.08 21.95 -30.57
C THR B 276 -13.55 20.90 -31.55
N SER B 277 -12.23 20.89 -31.72
CA SER B 277 -11.57 20.00 -32.65
C SER B 277 -11.43 18.60 -32.04
N ALA B 278 -10.69 18.52 -30.94
CA ALA B 278 -10.67 17.28 -30.17
C ALA B 278 -12.10 16.77 -30.01
N LEU B 279 -13.04 17.68 -29.74
CA LEU B 279 -14.42 17.27 -29.60
C LEU B 279 -14.89 16.55 -30.85
N LYS B 280 -14.39 16.97 -32.01
CA LYS B 280 -14.76 16.37 -33.27
C LYS B 280 -14.15 14.97 -33.42
N SER B 281 -12.82 14.88 -33.30
CA SER B 281 -12.17 13.59 -33.42
C SER B 281 -12.85 12.57 -32.53
N ILE B 282 -12.89 12.88 -31.22
CA ILE B 282 -13.48 11.97 -30.25
C ILE B 282 -14.77 11.35 -30.76
N ARG B 283 -15.71 12.18 -31.20
CA ARG B 283 -16.96 11.69 -31.78
C ARG B 283 -16.74 10.82 -33.03
N ASP B 284 -15.78 11.19 -33.87
CA ASP B 284 -15.61 10.43 -35.09
C ASP B 284 -14.91 9.12 -34.79
N SER B 285 -14.13 9.11 -33.72
CA SER B 285 -13.37 7.95 -33.32
C SER B 285 -14.27 6.88 -32.73
N CYS B 286 -15.23 7.30 -31.90
CA CYS B 286 -16.09 6.35 -31.22
C CYS B 286 -17.25 5.93 -32.10
N ARG B 287 -17.45 6.68 -33.18
CA ARG B 287 -18.70 6.61 -33.96
C ARG B 287 -19.18 5.20 -34.28
N ASN B 288 -18.39 4.47 -35.05
CA ASN B 288 -18.80 3.11 -35.39
C ASN B 288 -17.81 2.07 -34.89
N PHE B 289 -17.35 2.28 -33.65
CA PHE B 289 -16.34 1.43 -33.08
C PHE B 289 -17.01 0.25 -32.37
N PRO B 290 -16.69 -0.96 -32.82
CA PRO B 290 -17.32 -2.10 -32.16
C PRO B 290 -16.74 -2.29 -30.76
N GLY B 291 -15.66 -1.56 -30.45
CA GLY B 291 -14.95 -1.75 -29.21
C GLY B 291 -15.21 -0.71 -28.15
N TYR B 292 -14.22 -0.51 -27.27
CA TYR B 292 -14.31 0.47 -26.18
C TYR B 292 -13.16 1.43 -26.28
N VAL B 293 -13.40 2.66 -25.85
CA VAL B 293 -12.46 3.76 -26.05
C VAL B 293 -12.15 4.46 -24.76
N ARG B 294 -10.89 4.86 -24.63
CA ARG B 294 -10.44 5.68 -23.51
C ARG B 294 -9.83 6.96 -24.08
N VAL B 295 -10.05 8.09 -23.43
CA VAL B 295 -9.27 9.27 -23.76
C VAL B 295 -8.41 9.71 -22.57
N VAL B 296 -7.12 9.97 -22.80
CA VAL B 296 -6.33 10.61 -21.77
C VAL B 296 -6.00 12.01 -22.25
N TYR B 297 -6.01 12.95 -21.30
CA TYR B 297 -5.95 14.35 -21.68
C TYR B 297 -5.03 15.10 -20.74
N GLU B 298 -4.78 16.36 -21.08
CA GLU B 298 -4.00 17.25 -20.24
C GLU B 298 -4.84 18.41 -19.71
N GLU B 299 -5.54 19.11 -20.60
CA GLU B 299 -6.37 20.23 -20.19
C GLU B 299 -7.81 20.08 -20.71
N ASP B 300 -8.79 20.17 -19.81
CA ASP B 300 -10.22 20.09 -20.19
C ASP B 300 -11.06 21.17 -19.49
N SER B 301 -12.15 21.57 -20.13
CA SER B 301 -13.05 22.57 -19.57
C SER B 301 -14.36 21.95 -19.06
N GLY B 302 -14.32 20.67 -18.68
CA GLY B 302 -15.50 20.02 -18.16
C GLY B 302 -16.34 19.39 -19.25
N ILE B 303 -15.81 19.42 -20.47
CA ILE B 303 -16.46 18.80 -21.61
C ILE B 303 -16.55 17.28 -21.43
N LEU B 304 -15.40 16.66 -21.14
CA LEU B 304 -15.24 15.20 -21.14
C LEU B 304 -16.17 14.45 -20.19
N PRO B 305 -16.25 14.90 -18.93
CA PRO B 305 -17.21 14.18 -18.08
C PRO B 305 -18.60 14.20 -18.70
N ASP B 306 -18.97 15.37 -19.22
CA ASP B 306 -20.26 15.51 -19.91
C ASP B 306 -20.35 14.65 -21.18
N LEU B 307 -19.24 14.60 -21.90
CA LEU B 307 -19.13 13.84 -23.13
C LEU B 307 -19.27 12.35 -22.85
N MET B 308 -18.44 11.87 -21.94
CA MET B 308 -18.43 10.47 -21.56
C MET B 308 -19.83 9.98 -21.26
N GLY B 309 -20.57 10.80 -20.53
CA GLY B 309 -21.97 10.51 -20.27
C GLY B 309 -22.73 10.12 -21.52
N GLU B 310 -22.50 10.84 -22.62
CA GLU B 310 -23.35 10.69 -23.78
C GLU B 310 -22.79 9.79 -24.90
N ILE B 311 -21.51 9.44 -24.83
CA ILE B 311 -20.97 8.45 -25.77
C ILE B 311 -20.86 7.09 -25.06
N ASP B 312 -21.58 6.08 -25.56
CA ASP B 312 -21.75 4.83 -24.81
C ASP B 312 -20.48 4.00 -24.71
N ASN B 313 -19.76 3.90 -25.83
CA ASN B 313 -18.53 3.11 -25.87
C ASN B 313 -17.28 3.89 -25.42
N LEU B 314 -17.46 5.11 -24.93
CA LEU B 314 -16.35 5.84 -24.32
C LEU B 314 -16.40 5.56 -22.82
N VAL B 315 -15.50 4.71 -22.35
CA VAL B 315 -15.67 4.06 -21.05
C VAL B 315 -14.77 4.61 -19.96
N LYS B 316 -13.78 5.43 -20.35
CA LYS B 316 -12.74 5.84 -19.42
C LYS B 316 -12.06 7.14 -19.89
N ILE B 317 -11.96 8.11 -18.99
CA ILE B 317 -11.13 9.30 -19.25
C ILE B 317 -10.07 9.37 -18.17
N GLU B 318 -8.94 10.03 -18.43
CA GLU B 318 -7.83 9.96 -17.50
C GLU B 318 -6.81 11.05 -17.73
N ARG B 319 -6.47 11.78 -16.66
CA ARG B 319 -5.43 12.81 -16.74
C ARG B 319 -4.08 12.13 -16.94
N LYS B 320 -3.27 12.67 -17.85
CA LYS B 320 -1.90 12.19 -17.96
C LYS B 320 -1.23 12.47 -16.62
N SER B 321 -0.77 11.41 -15.95
CA SER B 321 -0.09 11.60 -14.66
C SER B 321 1.28 12.25 -14.89
N ARG B 322 1.57 13.32 -14.16
CA ARG B 322 2.86 13.98 -14.30
C ARG B 322 4.03 13.03 -14.10
N ARG B 323 5.06 13.18 -14.92
CA ARG B 323 6.29 12.42 -14.73
C ARG B 323 6.77 12.70 -13.31
N GLU B 324 6.93 13.98 -13.00
CA GLU B 324 7.33 14.44 -11.67
C GLU B 324 6.50 13.80 -10.55
N ILE B 325 5.32 13.29 -10.90
CA ILE B 325 4.48 12.57 -9.96
C ILE B 325 4.61 11.05 -10.08
N GLU B 326 4.81 10.57 -11.30
CA GLU B 326 5.06 9.14 -11.51
C GLU B 326 6.20 8.62 -10.62
N GLU B 327 7.31 9.36 -10.62
CA GLU B 327 8.57 8.92 -10.02
C GLU B 327 8.46 8.50 -8.55
N VAL B 328 8.04 9.44 -7.71
CA VAL B 328 8.16 9.32 -6.25
C VAL B 328 7.61 8.00 -5.68
N LEU B 329 6.74 7.34 -6.43
CA LEU B 329 6.24 6.02 -6.02
C LEU B 329 7.11 4.86 -6.52
N ARG B 330 7.79 5.06 -7.65
CA ARG B 330 8.85 4.14 -8.06
C ARG B 330 10.04 4.29 -7.12
N GLU B 331 10.29 5.53 -6.73
CA GLU B 331 11.53 5.95 -6.10
C GLU B 331 11.94 5.07 -4.91
N SER B 332 13.14 4.51 -5.04
CA SER B 332 13.62 3.39 -4.22
C SER B 332 14.19 3.83 -2.87
N PRO B 333 14.26 2.89 -1.91
CA PRO B 333 14.75 3.12 -0.55
C PRO B 333 16.09 3.84 -0.55
N GLU B 334 16.81 3.70 -1.65
CA GLU B 334 18.00 4.52 -1.86
C GLU B 334 17.57 5.98 -1.92
N GLU B 335 16.74 6.31 -2.91
CA GLU B 335 16.25 7.67 -3.06
C GLU B 335 15.43 8.15 -1.86
N PHE B 336 14.68 7.23 -1.26
CA PHE B 336 13.78 7.58 -0.17
C PHE B 336 14.49 8.17 1.05
N LYS B 337 15.56 7.50 1.50
CA LYS B 337 16.30 7.96 2.67
C LYS B 337 17.01 9.28 2.43
N GLU B 338 17.52 9.46 1.21
CA GLU B 338 18.14 10.73 0.85
C GLU B 338 17.10 11.82 1.00
N GLU B 339 15.97 11.62 0.32
CA GLU B 339 14.86 12.56 0.32
C GLU B 339 14.44 13.01 1.73
N LEU B 340 14.17 12.05 2.61
CA LEU B 340 13.73 12.39 3.95
C LEU B 340 14.84 13.05 4.76
N ASP B 341 16.06 12.57 4.60
CA ASP B 341 17.19 13.15 5.32
C ASP B 341 17.55 14.54 4.77
N LYS B 342 17.16 14.81 3.52
CA LYS B 342 17.24 16.16 2.99
C LYS B 342 16.16 17.05 3.59
N LEU B 343 15.29 16.46 4.40
CA LEU B 343 14.16 17.19 4.97
C LEU B 343 14.37 17.57 6.45
N ASP B 344 15.55 17.26 6.97
CA ASP B 344 15.92 17.68 8.33
C ASP B 344 15.83 19.21 8.45
N TYR B 345 15.45 19.69 9.63
CA TYR B 345 15.32 21.12 9.89
C TYR B 345 16.61 21.92 9.66
N PHE B 346 17.75 21.24 9.63
CA PHE B 346 19.00 21.97 9.51
C PHE B 346 19.70 21.78 8.17
N GLU B 347 19.72 20.53 7.69
CA GLU B 347 20.32 20.26 6.38
C GLU B 347 19.45 20.85 5.28
N LEU B 348 18.22 21.20 5.64
CA LEU B 348 17.34 21.99 4.79
C LEU B 348 17.75 23.45 4.97
N PHE B 349 18.05 23.81 6.21
CA PHE B 349 18.49 25.18 6.53
C PHE B 349 19.75 25.58 5.78
N LYS B 350 20.49 24.56 5.31
CA LYS B 350 21.66 24.73 4.46
C LYS B 350 21.34 25.64 3.26
N GLU B 351 20.72 25.05 2.24
CA GLU B 351 20.35 25.75 1.01
C GLU B 351 19.63 27.08 1.25
N TYR B 352 18.90 27.22 2.35
CA TYR B 352 18.22 28.50 2.63
C TYR B 352 19.27 29.60 2.79
N LEU B 353 20.35 29.23 3.44
CA LEU B 353 21.49 30.12 3.68
C LEU B 353 22.28 30.33 2.37
N LYS B 354 22.76 29.23 1.80
CA LYS B 354 23.51 29.23 0.54
C LYS B 354 22.79 29.99 -0.59
N LYS B 355 21.48 30.18 -0.44
CA LYS B 355 20.68 30.96 -1.36
C LYS B 355 20.78 32.44 -1.04
N ARG B 356 20.45 32.78 0.21
CA ARG B 356 20.06 34.14 0.58
C ARG B 356 21.12 34.99 1.29
N GLU B 357 22.27 34.40 1.60
CA GLU B 357 23.45 35.15 2.04
C GLU B 357 24.69 34.46 1.52
N GLU B 358 24.44 33.38 0.78
CA GLU B 358 25.39 32.79 -0.14
C GLU B 358 26.77 32.54 0.44
N ASN B 359 27.51 33.64 0.63
CA ASN B 359 28.97 33.61 0.77
C ASN B 359 29.58 32.96 2.01
N HIS B 360 28.93 33.16 3.16
CA HIS B 360 29.50 32.70 4.43
C HIS B 360 29.00 31.30 4.80
N GLU B 361 29.94 30.37 4.94
CA GLU B 361 29.61 28.98 5.22
C GLU B 361 30.31 28.53 6.50
N LYS B 362 31.20 29.38 7.00
CA LYS B 362 31.71 29.28 8.36
C LYS B 362 30.51 29.37 9.27
N LEU B 363 29.55 30.19 8.86
CA LEU B 363 28.23 30.26 9.50
C LEU B 363 27.70 28.85 9.80
N LEU B 364 27.89 27.94 8.86
CA LEU B 364 27.54 26.54 9.08
C LEU B 364 28.51 25.90 10.08
N LYS B 365 29.80 26.10 9.85
CA LYS B 365 30.83 25.68 10.81
C LYS B 365 30.56 26.33 12.17
N ILE B 366 30.05 27.56 12.15
CA ILE B 366 29.57 28.21 13.36
C ILE B 366 28.40 27.40 13.93
N LEU B 367 27.38 27.20 13.09
CA LEU B 367 26.22 26.40 13.45
C LEU B 367 26.61 25.00 13.93
N ASP B 368 27.49 24.34 13.17
CA ASP B 368 27.89 22.96 13.47
C ASP B 368 28.33 22.74 14.92
N GLU B 369 29.34 23.50 15.35
CA GLU B 369 29.83 23.39 16.72
C GLU B 369 28.71 23.77 17.68
N LEU B 370 27.98 24.83 17.31
CA LEU B 370 26.85 25.30 18.11
C LEU B 370 25.87 24.16 18.45
N LEU B 371 25.55 23.34 17.45
CA LEU B 371 24.66 22.20 17.67
C LEU B 371 25.39 21.05 18.35
N ASP B 372 26.67 20.88 18.01
CA ASP B 372 27.52 19.92 18.71
C ASP B 372 27.59 20.26 20.20
N GLU B 373 27.56 21.56 20.51
CA GLU B 373 27.61 22.04 21.89
C GLU B 373 26.39 21.60 22.69
N VAL B 374 25.21 22.07 22.28
CA VAL B 374 23.95 21.72 22.94
C VAL B 374 23.73 20.23 23.13
N LYS B 375 24.09 19.41 22.13
CA LYS B 375 23.90 17.97 22.23
C LYS B 375 24.77 17.32 23.31
N LYS B 376 25.49 18.13 24.08
CA LYS B 376 26.22 17.64 25.25
C LYS B 376 25.49 18.01 26.54
N SER B 377 24.61 19.01 26.46
CA SER B 377 23.79 19.41 27.61
C SER B 377 22.80 18.31 27.97
PB ADP C . -15.53 -1.82 19.00
O1B ADP C . -14.42 -0.87 18.53
O2B ADP C . -14.94 -3.25 19.16
O3B ADP C . -16.72 -1.85 18.02
PA ADP C . -15.63 -0.32 21.44
O1A ADP C . -14.18 -0.59 21.79
O2A ADP C . -15.81 1.14 20.97
O3A ADP C . -16.16 -1.38 20.36
O5' ADP C . -16.59 -0.46 22.66
C5' ADP C . -16.50 -1.60 23.54
C4' ADP C . -17.57 -1.79 24.50
O4' ADP C . -17.35 -1.05 25.76
C3' ADP C . -18.87 -1.29 24.00
O3' ADP C . -19.80 -2.22 24.29
C2' ADP C . -19.10 -0.03 24.74
O2' ADP C . -20.41 0.33 24.85
C1' ADP C . -18.55 -0.38 26.09
N9 ADP C . -18.28 0.70 27.00
C8 ADP C . -18.22 2.04 26.74
N7 ADP C . -17.95 2.67 27.89
C5 ADP C . -17.83 1.75 28.88
C6 ADP C . -17.54 1.80 30.25
N6 ADP C . -17.27 3.03 30.91
N1 ADP C . -17.52 0.66 30.96
C2 ADP C . -17.74 -0.54 30.37
N3 ADP C . -18.00 -0.63 29.06
C4 ADP C . -18.06 0.49 28.30
MG MG D . -16.26 1.61 18.19
S SO4 E . -9.02 13.69 35.95
O1 SO4 E . -8.00 13.92 34.93
O2 SO4 E . -8.79 12.38 36.56
O3 SO4 E . -8.92 14.72 37.00
O4 SO4 E . -10.36 13.76 35.33
S SO4 F . 2.49 -1.13 40.47
O1 SO4 F . 2.82 -0.69 41.82
O2 SO4 F . 3.68 -1.06 39.61
O3 SO4 F . 2.04 -2.53 40.48
O4 SO4 F . 1.42 -0.26 39.98
S SO4 G . 6.59 14.30 40.22
O1 SO4 G . 7.11 15.61 39.80
O2 SO4 G . 6.26 13.53 39.02
O3 SO4 G . 7.60 13.58 40.99
O4 SO4 G . 5.40 14.52 41.06
S SO4 H . 1.74 -4.26 13.88
O1 SO4 H . 2.63 -3.19 13.45
O2 SO4 H . 1.80 -5.36 12.93
O3 SO4 H . 2.11 -4.71 15.23
O4 SO4 H . 0.37 -3.76 13.93
S SO4 I . 14.46 14.92 17.40
O1 SO4 I . 15.39 15.69 16.58
O2 SO4 I . 15.03 13.59 17.67
O3 SO4 I . 14.21 15.61 18.67
O4 SO4 I . 13.20 14.78 16.67
P PO4 J . -15.18 -0.61 9.89
O1 PO4 J . -16.04 0.49 10.49
O2 PO4 J . -13.76 -0.10 9.77
O3 PO4 J . -15.23 -1.83 10.78
O4 PO4 J . -15.72 -0.96 8.51
MN MN K . -4.43 -13.28 -15.08
MN MN L . -2.45 -14.99 -12.38
S SO4 M . 1.32 -39.71 -30.53
O1 SO4 M . 2.61 -39.00 -30.48
O2 SO4 M . 0.91 -39.90 -31.94
O3 SO4 M . 1.46 -41.02 -29.88
O4 SO4 M . 0.28 -38.93 -29.83
S SO4 N . -1.36 -38.19 -35.38
O1 SO4 N . -0.19 -38.38 -36.25
O2 SO4 N . -2.43 -39.11 -35.79
O3 SO4 N . -0.97 -38.52 -34.00
O4 SO4 N . -1.85 -36.81 -35.50
S SO4 O . -11.16 1.06 -13.44
O1 SO4 O . -10.29 1.79 -12.51
O2 SO4 O . -10.61 1.17 -14.80
O3 SO4 O . -11.23 -0.36 -13.04
O4 SO4 O . -12.50 1.63 -13.40
S SO4 P . 16.04 -38.42 -10.57
O1 SO4 P . 17.44 -38.85 -10.42
O2 SO4 P . 15.30 -39.41 -11.37
O3 SO4 P . 15.38 -38.29 -9.27
O4 SO4 P . 16.08 -37.16 -11.30
#